data_1VP4
#
_entry.id   1VP4
#
_cell.length_a   165.125
_cell.length_b   165.125
_cell.length_c   68.701
_cell.angle_alpha   90.00
_cell.angle_beta   90.00
_cell.angle_gamma   120.00
#
_symmetry.space_group_name_H-M   'P 65'
#
loop_
_entity.id
_entity.type
_entity.pdbx_description
1 polymer 'aminotransferase, putative'
2 non-polymer "PYRIDOXAL-5'-PHOSPHATE"
3 non-polymer 'UNKNOWN LIGAND'
4 non-polymer 1,2-ETHANEDIOL
5 non-polymer 'FORMIC ACID'
6 water water
#
_entity_poly.entity_id   1
_entity_poly.type   'polypeptide(L)'
_entity_poly.pdbx_seq_one_letter_code
;(MSE)GSDKIHHHHHH(MSE)VVNLEGKISKIGQN(MSE)KSSIIREILKFAADKDAISFGGGVPDPETFPRKELAEIAK
EIIEKEYHYTLQYSTTEGDPVLKQQILKLLER(MSE)YGITGLDEDNLIFTVGSQQALDLIGKLFLDDESYCVLDDPAYL
GAINAFRQYLANFVVVPLEDDG(MSE)DLNVLERKLSEFDKNGKIKQVKFIYVVSNFHNPAGVTTSLEKRKALVEIAEKY
DLFIVEDDPYGALRYEGETVDPIFKIGGPERVVLLNTFSKVLAPGLRIG(MSE)VAGSKEFIRKIVQAKQSADLCSPAIT
HRLAARYLERYDLLEQLKPTIELYRRKRTV(MSE)LNALEEYFSDIPGVKWVKSEGGLFIWLTLPEGFDTWE(MSE)FEY
AKRKKVFYVPGRVFKVYDEPSPS(MSE)RLSFCLPPDEKIVEGIKRLREVVLEYGKEKHLL
;
_entity_poly.pdbx_strand_id   A,B
#
loop_
_chem_comp.id
_chem_comp.type
_chem_comp.name
_chem_comp.formula
EDO non-polymer 1,2-ETHANEDIOL 'C2 H6 O2'
FMT non-polymer 'FORMIC ACID' 'C H2 O2'
PLP non-polymer PYRIDOXAL-5'-PHOSPHATE 'C8 H10 N O6 P'
UNL non-polymer 'UNKNOWN LIGAND' ?
#
# COMPACT_ATOMS: atom_id res chain seq x y z
N ILE A 6 -20.06 -35.67 -3.78
CA ILE A 6 -21.40 -36.36 -3.67
C ILE A 6 -22.49 -35.45 -4.20
N HIS A 7 -22.36 -35.07 -5.48
CA HIS A 7 -23.10 -33.94 -6.07
C HIS A 7 -22.92 -32.67 -5.23
N HIS A 8 -21.84 -32.67 -4.45
CA HIS A 8 -21.43 -31.58 -3.60
C HIS A 8 -19.96 -31.33 -3.91
N HIS A 9 -19.62 -31.44 -5.20
CA HIS A 9 -18.29 -31.11 -5.70
C HIS A 9 -18.19 -29.58 -5.82
N HIS A 10 -18.17 -28.92 -4.66
CA HIS A 10 -18.19 -27.46 -4.58
C HIS A 10 -16.75 -26.94 -4.63
N HIS A 11 -16.56 -26.02 -5.57
CA HIS A 11 -15.34 -25.90 -6.36
C HIS A 11 -15.94 -25.92 -7.76
N HIS A 12 -16.23 -24.71 -8.23
CA HIS A 12 -17.45 -24.36 -8.95
C HIS A 12 -17.81 -23.01 -8.33
N MSE A 13 -17.86 -22.98 -7.00
CA MSE A 13 -17.70 -21.74 -6.22
C MSE A 13 -16.31 -21.17 -6.48
O MSE A 13 -16.15 -19.97 -6.65
CB MSE A 13 -17.87 -22.01 -4.73
N VAL A 14 -15.31 -22.04 -6.51
CA VAL A 14 -13.93 -21.67 -6.88
C VAL A 14 -13.80 -21.18 -8.32
N VAL A 15 -14.35 -21.94 -9.26
CA VAL A 15 -14.35 -21.57 -10.68
C VAL A 15 -15.19 -20.32 -10.92
N ASN A 16 -16.28 -20.17 -10.18
CA ASN A 16 -17.02 -18.92 -10.19
C ASN A 16 -16.12 -17.74 -9.74
N LEU A 17 -15.37 -17.92 -8.66
CA LEU A 17 -14.48 -16.84 -8.19
C LEU A 17 -13.40 -16.56 -9.23
N GLU A 18 -12.70 -17.60 -9.66
CA GLU A 18 -11.73 -17.45 -10.73
C GLU A 18 -12.39 -16.79 -11.95
N GLY A 19 -13.66 -17.08 -12.19
CA GLY A 19 -14.40 -16.40 -13.24
C GLY A 19 -14.56 -14.89 -13.09
N LYS A 20 -14.59 -14.40 -11.86
CA LYS A 20 -14.82 -12.99 -11.57
C LYS A 20 -13.54 -12.12 -11.65
N ILE A 21 -12.39 -12.75 -11.76
CA ILE A 21 -11.12 -12.05 -11.66
C ILE A 21 -10.86 -11.20 -12.90
N SER A 22 -10.45 -9.96 -12.66
CA SER A 22 -10.09 -9.01 -13.69
C SER A 22 -8.86 -9.43 -14.49
N LYS A 23 -8.64 -8.72 -15.60
CA LYS A 23 -7.45 -8.94 -16.44
C LYS A 23 -6.16 -8.68 -15.69
N ILE A 24 -6.12 -7.61 -14.90
CA ILE A 24 -4.95 -7.33 -14.04
C ILE A 24 -4.70 -8.54 -13.17
N GLY A 25 -5.78 -9.03 -12.54
CA GLY A 25 -5.75 -10.18 -11.67
C GLY A 25 -5.18 -11.41 -12.37
N GLN A 26 -5.60 -11.62 -13.62
CA GLN A 26 -5.12 -12.76 -14.41
C GLN A 26 -3.67 -12.63 -14.89
N ASN A 27 -3.06 -11.45 -14.79
CA ASN A 27 -1.70 -11.21 -15.28
C ASN A 27 -0.69 -10.95 -14.18
N MSE A 28 -1.12 -11.20 -12.95
CA MSE A 28 -0.25 -11.13 -11.78
C MSE A 28 0.63 -12.33 -11.63
O MSE A 28 0.18 -13.47 -11.81
CB MSE A 28 -1.08 -11.06 -10.52
CG MSE A 28 -1.73 -9.76 -10.40
SE MSE A 28 -2.54 -9.77 -8.71
CE MSE A 28 -3.58 -8.02 -8.74
N LYS A 29 1.87 -12.03 -11.24
CA LYS A 29 2.93 -13.01 -11.04
C LYS A 29 3.36 -13.02 -9.59
N SER A 30 3.74 -14.21 -9.14
CA SER A 30 4.31 -14.41 -7.81
C SER A 30 5.82 -14.62 -7.91
N SER A 31 6.54 -13.98 -7.00
CA SER A 31 7.95 -14.22 -6.86
C SER A 31 8.15 -15.63 -6.27
N ILE A 32 9.03 -16.41 -6.90
CA ILE A 32 9.34 -17.77 -6.43
C ILE A 32 10.52 -17.81 -5.47
N ILE A 33 11.01 -16.64 -5.03
CA ILE A 33 12.28 -16.53 -4.31
C ILE A 33 12.22 -17.21 -2.96
N ARG A 34 11.18 -16.92 -2.20
CA ARG A 34 10.92 -17.59 -0.93
C ARG A 34 10.81 -19.10 -1.06
N GLU A 35 10.07 -19.60 -2.05
CA GLU A 35 9.98 -21.04 -2.28
C GLU A 35 11.37 -21.63 -2.47
N ILE A 36 12.13 -21.09 -3.42
CA ILE A 36 13.42 -21.69 -3.72
C ILE A 36 14.50 -21.49 -2.64
N LEU A 37 14.35 -20.49 -1.81
CA LEU A 37 15.26 -20.26 -0.68
C LEU A 37 14.70 -20.78 0.65
N LYS A 38 13.63 -21.56 0.57
CA LYS A 38 12.99 -22.20 1.69
C LYS A 38 13.94 -22.88 2.69
N PHE A 39 14.90 -23.66 2.22
CA PHE A 39 15.82 -24.37 3.12
C PHE A 39 17.19 -23.75 3.24
N ALA A 40 17.29 -22.49 2.85
CA ALA A 40 18.55 -21.77 2.78
C ALA A 40 19.15 -21.41 4.13
N ALA A 41 18.34 -21.52 5.18
CA ALA A 41 18.80 -21.30 6.56
C ALA A 41 18.97 -22.59 7.36
N ASP A 42 19.06 -23.74 6.69
CA ASP A 42 19.38 -24.98 7.34
C ASP A 42 20.80 -24.90 7.93
N LYS A 43 21.05 -25.74 8.92
CA LYS A 43 22.27 -25.62 9.75
C LYS A 43 23.59 -25.47 8.96
N ASP A 44 23.79 -26.42 8.05
CA ASP A 44 25.01 -26.46 7.25
C ASP A 44 24.84 -25.82 5.87
N ALA A 45 23.80 -25.02 5.68
CA ALA A 45 23.62 -24.25 4.42
C ALA A 45 24.39 -22.92 4.39
N ILE A 46 24.81 -22.50 3.20
CA ILE A 46 25.43 -21.23 3.00
C ILE A 46 24.67 -20.59 1.88
N SER A 47 24.07 -19.45 2.21
CA SER A 47 23.22 -18.76 1.25
C SER A 47 23.76 -17.44 0.75
N PHE A 48 23.85 -17.35 -0.58
CA PHE A 48 24.16 -16.11 -1.25
C PHE A 48 22.90 -15.58 -1.95
N GLY A 49 21.75 -16.08 -1.58
CA GLY A 49 20.50 -15.68 -2.21
C GLY A 49 19.82 -14.48 -1.62
N GLY A 50 20.36 -13.98 -0.51
CA GLY A 50 19.82 -12.85 0.19
C GLY A 50 19.72 -11.61 -0.65
N GLY A 51 18.65 -10.85 -0.44
CA GLY A 51 18.52 -9.56 -1.07
C GLY A 51 18.32 -8.45 -0.07
N VAL A 52 18.90 -8.61 1.11
CA VAL A 52 18.52 -7.83 2.26
C VAL A 52 19.79 -7.35 3.02
N PRO A 53 19.69 -6.25 3.77
CA PRO A 53 20.79 -5.82 4.61
C PRO A 53 20.95 -6.69 5.88
N ASP A 54 22.10 -6.57 6.55
CA ASP A 54 22.38 -7.38 7.76
C ASP A 54 21.73 -6.72 8.97
N PRO A 55 20.79 -7.44 9.63
CA PRO A 55 20.02 -6.91 10.73
C PRO A 55 20.85 -6.64 11.95
N GLU A 56 22.07 -7.18 11.96
CA GLU A 56 22.96 -6.95 13.07
C GLU A 56 23.56 -5.57 12.99
N THR A 57 23.39 -4.91 11.86
CA THR A 57 23.90 -3.57 11.64
C THR A 57 22.88 -2.49 11.99
N PHE A 58 21.63 -2.87 12.24
CA PHE A 58 20.60 -1.89 12.44
C PHE A 58 20.77 -1.20 13.79
N PRO A 59 20.46 0.12 13.85
CA PRO A 59 20.55 0.85 15.13
C PRO A 59 19.31 0.62 16.00
N ARG A 60 19.14 -0.62 16.44
CA ARG A 60 17.93 -1.04 17.13
C ARG A 60 17.66 -0.37 18.50
N LYS A 61 18.69 -0.17 19.30
CA LYS A 61 18.56 0.46 20.58
C LYS A 61 18.05 1.87 20.41
N GLU A 62 18.65 2.61 19.49
CA GLU A 62 18.28 3.99 19.23
C GLU A 62 16.86 4.10 18.69
N LEU A 63 16.51 3.30 17.68
CA LEU A 63 15.14 3.25 17.15
C LEU A 63 14.12 2.84 18.20
N ALA A 64 14.51 1.97 19.10
CA ALA A 64 13.58 1.50 20.12
C ALA A 64 13.21 2.64 21.08
N GLU A 65 14.22 3.41 21.50
CA GLU A 65 14.05 4.52 22.42
C GLU A 65 13.23 5.60 21.78
N ILE A 66 13.51 5.87 20.51
CA ILE A 66 12.81 6.92 19.79
C ILE A 66 11.34 6.51 19.57
N ALA A 67 11.12 5.26 19.23
CA ALA A 67 9.76 4.74 19.05
C ALA A 67 8.86 4.95 20.29
N LYS A 68 9.39 4.61 21.47
CA LYS A 68 8.69 4.87 22.71
C LYS A 68 8.38 6.36 22.93
N GLU A 69 9.39 7.19 22.74
CA GLU A 69 9.24 8.60 22.89
C GLU A 69 8.20 9.17 21.95
N ILE A 70 8.22 8.79 20.68
CA ILE A 70 7.28 9.43 19.75
C ILE A 70 5.85 8.96 19.91
N ILE A 71 5.66 7.75 20.41
CA ILE A 71 4.31 7.25 20.70
C ILE A 71 3.77 7.94 21.98
N GLU A 72 4.60 8.09 22.99
CA GLU A 72 4.21 8.69 24.25
C GLU A 72 3.97 10.17 24.13
N LYS A 73 4.85 10.88 23.42
CA LYS A 73 4.88 12.34 23.40
C LYS A 73 4.28 12.97 22.16
N GLU A 74 4.26 12.25 21.05
CA GLU A 74 3.83 12.80 19.77
C GLU A 74 2.66 12.06 19.17
N TYR A 75 1.92 11.36 20.02
CA TYR A 75 0.78 10.54 19.64
C TYR A 75 -0.31 11.22 18.82
N HIS A 76 -0.46 12.54 18.97
CA HIS A 76 -1.43 13.21 18.12
C HIS A 76 -1.05 13.09 16.67
N TYR A 77 0.23 12.92 16.39
CA TYR A 77 0.71 12.70 15.04
C TYR A 77 0.85 11.20 14.72
N THR A 78 1.63 10.53 15.57
CA THR A 78 2.10 9.17 15.34
C THR A 78 1.05 8.10 15.40
N LEU A 79 -0.01 8.27 16.19
CA LEU A 79 -1.04 7.21 16.27
C LEU A 79 -2.29 7.56 15.48
N GLN A 80 -2.33 8.75 14.92
CA GLN A 80 -3.48 9.24 14.23
C GLN A 80 -3.25 9.12 12.73
N TYR A 81 -4.33 9.18 11.96
CA TYR A 81 -4.22 9.29 10.51
C TYR A 81 -3.34 10.46 10.14
N SER A 82 -2.55 10.29 9.09
CA SER A 82 -1.71 11.38 8.65
C SER A 82 -2.06 11.80 7.23
N THR A 83 -1.33 12.78 6.69
CA THR A 83 -1.56 13.15 5.30
C THR A 83 -0.98 12.11 4.34
N THR A 84 -1.64 11.96 3.20
CA THR A 84 -1.12 11.09 2.13
C THR A 84 0.25 11.59 1.66
N GLU A 85 0.43 12.90 1.71
CA GLU A 85 1.64 13.53 1.21
C GLU A 85 2.88 13.15 2.03
N GLY A 86 2.69 12.79 3.28
CA GLY A 86 3.76 12.28 4.11
C GLY A 86 4.28 13.27 5.12
N ASP A 87 5.04 12.77 6.08
CA ASP A 87 5.44 13.52 7.26
C ASP A 87 6.32 14.68 6.85
N PRO A 88 5.90 15.93 7.12
CA PRO A 88 6.78 17.02 6.71
C PRO A 88 8.09 17.12 7.48
N VAL A 89 8.15 16.59 8.70
CA VAL A 89 9.41 16.56 9.43
C VAL A 89 10.44 15.63 8.76
N LEU A 90 9.96 14.50 8.24
CA LEU A 90 10.80 13.58 7.54
C LEU A 90 11.22 14.19 6.23
N LYS A 91 10.29 14.89 5.57
CA LYS A 91 10.62 15.60 4.30
C LYS A 91 11.78 16.55 4.43
N GLN A 92 11.85 17.29 5.55
CA GLN A 92 13.00 18.16 5.80
C GLN A 92 14.33 17.43 5.86
N GLN A 93 14.29 16.27 6.50
CA GLN A 93 15.46 15.43 6.59
C GLN A 93 15.85 14.85 5.27
N ILE A 94 14.87 14.48 4.45
CA ILE A 94 15.14 13.96 3.13
C ILE A 94 15.75 15.04 2.22
N LEU A 95 15.19 16.24 2.26
CA LEU A 95 15.73 17.33 1.43
C LEU A 95 17.19 17.63 1.76
N LYS A 96 17.51 17.54 3.05
CA LYS A 96 18.89 17.65 3.56
C LYS A 96 19.77 16.49 3.03
N LEU A 97 19.33 15.26 3.19
CA LEU A 97 20.10 14.10 2.71
C LEU A 97 20.42 14.16 1.23
N LEU A 98 19.41 14.48 0.41
CA LEU A 98 19.62 14.56 -1.04
C LEU A 98 20.67 15.58 -1.40
N GLU A 99 20.72 16.67 -0.65
CA GLU A 99 21.69 17.73 -0.91
C GLU A 99 23.04 17.28 -0.43
N ARG A 100 23.10 16.71 0.75
CA ARG A 100 24.37 16.20 1.25
C ARG A 100 24.88 14.99 0.46
N MSE A 101 23.99 14.07 0.07
CA MSE A 101 24.42 12.89 -0.66
C MSE A 101 24.79 13.20 -2.11
O MSE A 101 25.82 12.78 -2.61
CB MSE A 101 23.33 11.80 -0.67
CB MSE A 101 23.31 11.84 -0.60
CG MSE A 101 23.17 10.96 0.56
CG MSE A 101 23.64 10.54 -1.30
SE MSE A 101 21.82 9.52 0.28
SE MSE A 101 24.83 9.52 -0.20
CE MSE A 101 22.77 8.45 -1.05
CE MSE A 101 23.53 8.96 1.04
N TYR A 102 23.93 13.93 -2.81
CA TYR A 102 24.02 14.07 -4.27
C TYR A 102 24.13 15.48 -4.79
N GLY A 103 24.12 16.47 -3.91
CA GLY A 103 24.05 17.88 -4.32
C GLY A 103 22.74 18.27 -5.02
N ILE A 104 21.67 17.58 -4.71
CA ILE A 104 20.37 17.91 -5.29
C ILE A 104 19.86 19.08 -4.48
N THR A 105 19.45 20.14 -5.15
CA THR A 105 18.88 21.34 -4.51
C THR A 105 17.69 21.86 -5.33
N GLY A 106 16.97 22.81 -4.78
CA GLY A 106 15.84 23.43 -5.47
C GLY A 106 14.48 22.73 -5.31
N LEU A 107 14.36 21.78 -4.39
CA LEU A 107 13.09 21.04 -4.22
C LEU A 107 12.37 21.58 -3.02
N ASP A 108 11.08 21.27 -2.92
CA ASP A 108 10.37 21.50 -1.68
C ASP A 108 9.52 20.30 -1.33
N GLU A 109 8.78 20.42 -0.25
CA GLU A 109 7.96 19.35 0.25
C GLU A 109 7.00 18.83 -0.81
N ASP A 110 6.61 19.66 -1.77
CA ASP A 110 5.60 19.23 -2.76
C ASP A 110 6.23 18.43 -3.92
N ASN A 111 7.55 18.29 -3.88
CA ASN A 111 8.29 17.46 -4.79
C ASN A 111 8.46 16.01 -4.27
N LEU A 112 7.91 15.73 -3.10
CA LEU A 112 8.17 14.47 -2.45
C LEU A 112 6.90 13.86 -1.94
N ILE A 113 6.89 12.54 -1.88
CA ILE A 113 5.89 11.76 -1.18
C ILE A 113 6.49 10.48 -0.65
N PHE A 114 5.93 9.94 0.44
CA PHE A 114 6.44 8.68 0.99
C PHE A 114 5.47 7.55 0.64
N THR A 115 6.04 6.42 0.28
CA THR A 115 5.28 5.24 -0.06
C THR A 115 5.68 4.12 0.86
N VAL A 116 4.88 3.05 0.84
CA VAL A 116 5.15 1.82 1.58
C VAL A 116 6.21 1.04 0.82
N GLY A 117 7.47 1.40 1.07
CA GLY A 117 8.60 0.94 0.30
C GLY A 117 8.59 1.63 -1.04
N SER A 118 9.73 1.58 -1.73
CA SER A 118 9.74 1.92 -3.15
C SER A 118 8.89 0.92 -3.95
N GLN A 119 8.61 -0.24 -3.40
CA GLN A 119 7.67 -1.11 -4.06
C GLN A 119 6.33 -0.44 -4.35
N GLN A 120 5.72 0.26 -3.39
CA GLN A 120 4.45 0.90 -3.69
C GLN A 120 4.60 1.95 -4.75
N ALA A 121 5.73 2.66 -4.77
CA ALA A 121 5.98 3.62 -5.83
C ALA A 121 5.95 2.97 -7.19
N LEU A 122 6.58 1.83 -7.30
CA LEU A 122 6.59 1.09 -8.56
C LEU A 122 5.19 0.65 -8.94
N ASP A 123 4.45 0.16 -7.96
CA ASP A 123 3.09 -0.27 -8.22
C ASP A 123 2.20 0.90 -8.69
N LEU A 124 2.36 2.08 -8.09
CA LEU A 124 1.51 3.22 -8.39
C LEU A 124 1.93 3.85 -9.72
N ILE A 125 3.22 3.89 -10.02
CA ILE A 125 3.66 4.33 -11.34
C ILE A 125 3.08 3.39 -12.42
N GLY A 126 3.10 2.09 -12.17
CA GLY A 126 2.50 1.16 -13.12
C GLY A 126 1.02 1.41 -13.34
N LYS A 127 0.30 1.57 -12.24
CA LYS A 127 -1.14 1.79 -12.28
C LYS A 127 -1.55 3.03 -13.09
N LEU A 128 -0.79 4.11 -12.86
CA LEU A 128 -1.05 5.43 -13.47
C LEU A 128 -0.62 5.58 -14.93
N PHE A 129 0.31 4.75 -15.39
CA PHE A 129 0.96 4.93 -16.69
C PHE A 129 0.95 3.73 -17.64
N LEU A 130 0.65 2.53 -17.14
CA LEU A 130 0.76 1.33 -17.95
C LEU A 130 -0.60 0.66 -18.09
N ASP A 131 -0.80 0.05 -19.25
CA ASP A 131 -1.99 -0.68 -19.62
C ASP A 131 -1.60 -1.62 -20.75
N ASP A 132 -2.55 -2.37 -21.29
CA ASP A 132 -2.25 -3.31 -22.36
C ASP A 132 -1.87 -2.65 -23.69
N GLU A 133 -1.97 -1.33 -23.78
CA GLU A 133 -1.58 -0.58 -24.97
C GLU A 133 -0.34 0.26 -24.76
N SER A 134 0.33 0.06 -23.64
CA SER A 134 1.52 0.84 -23.28
C SER A 134 2.78 -0.01 -23.23
N TYR A 135 3.91 0.67 -23.38
CA TYR A 135 5.23 0.06 -23.26
C TYR A 135 6.02 0.74 -22.20
N CYS A 136 6.81 -0.06 -21.50
CA CYS A 136 7.84 0.46 -20.63
C CYS A 136 9.19 -0.18 -20.98
N VAL A 137 10.26 0.60 -20.84
CA VAL A 137 11.61 0.19 -21.19
C VAL A 137 12.37 -0.22 -19.94
N LEU A 138 12.93 -1.41 -19.92
CA LEU A 138 13.83 -1.79 -18.82
C LEU A 138 14.99 -2.72 -19.28
N ASP A 139 15.88 -3.06 -18.33
CA ASP A 139 17.08 -3.84 -18.59
C ASP A 139 16.78 -5.34 -18.70
N ASP A 140 17.71 -6.06 -19.33
CA ASP A 140 17.89 -7.47 -19.07
C ASP A 140 19.30 -7.63 -18.49
N PRO A 141 19.43 -8.03 -17.23
CA PRO A 141 18.45 -8.36 -16.23
C PRO A 141 17.80 -7.12 -15.59
N ALA A 142 16.68 -7.30 -14.95
CA ALA A 142 16.02 -6.19 -14.23
C ALA A 142 15.57 -6.63 -12.89
N TYR A 143 15.37 -5.65 -12.02
CA TYR A 143 14.80 -5.90 -10.70
C TYR A 143 13.42 -6.55 -10.69
N LEU A 144 13.28 -7.61 -9.92
CA LEU A 144 12.09 -8.43 -9.96
C LEU A 144 10.82 -7.70 -9.54
N GLY A 145 10.93 -6.87 -8.52
CA GLY A 145 9.83 -6.05 -8.02
C GLY A 145 9.25 -5.17 -9.09
N ALA A 146 10.11 -4.58 -9.91
CA ALA A 146 9.63 -3.73 -10.96
C ALA A 146 8.91 -4.54 -12.07
N ILE A 147 9.47 -5.70 -12.44
CA ILE A 147 8.87 -6.54 -13.47
C ILE A 147 7.46 -6.90 -13.03
N ASN A 148 7.32 -7.37 -11.79
CA ASN A 148 6.04 -7.80 -11.25
C ASN A 148 5.04 -6.65 -11.02
N ALA A 149 5.52 -5.50 -10.57
CA ALA A 149 4.67 -4.32 -10.39
C ALA A 149 4.14 -3.80 -11.72
N PHE A 150 4.94 -3.89 -12.77
CA PHE A 150 4.57 -3.36 -14.06
C PHE A 150 3.74 -4.36 -14.84
N ARG A 151 4.12 -5.63 -14.83
CA ARG A 151 3.48 -6.61 -15.69
C ARG A 151 2.03 -6.87 -15.30
N GLN A 152 1.71 -6.68 -14.02
CA GLN A 152 0.32 -6.84 -13.58
C GLN A 152 -0.65 -5.93 -14.32
N TYR A 153 -0.17 -4.77 -14.79
CA TYR A 153 -1.03 -3.84 -15.54
C TYR A 153 -1.04 -4.11 -17.06
N LEU A 154 -0.60 -5.31 -17.43
CA LEU A 154 -0.67 -5.82 -18.79
C LEU A 154 0.29 -5.08 -19.73
N ALA A 155 1.27 -4.38 -19.16
CA ALA A 155 2.27 -3.66 -19.91
C ALA A 155 3.02 -4.58 -20.87
N ASN A 156 3.42 -3.97 -21.98
CA ASN A 156 4.38 -4.54 -22.91
C ASN A 156 5.75 -4.00 -22.55
N PHE A 157 6.79 -4.80 -22.74
CA PHE A 157 8.15 -4.36 -22.38
C PHE A 157 9.09 -4.15 -23.58
N VAL A 158 9.88 -3.10 -23.51
CA VAL A 158 10.98 -2.92 -24.41
C VAL A 158 12.22 -3.24 -23.57
N VAL A 159 12.85 -4.36 -23.88
CA VAL A 159 13.93 -4.86 -23.06
C VAL A 159 15.27 -4.63 -23.73
N VAL A 160 16.18 -4.07 -22.97
CA VAL A 160 17.45 -3.60 -23.49
C VAL A 160 18.55 -4.25 -22.69
N PRO A 161 19.53 -4.85 -23.38
CA PRO A 161 20.50 -5.55 -22.59
C PRO A 161 21.43 -4.59 -21.85
N LEU A 162 21.83 -5.03 -20.67
CA LEU A 162 22.61 -4.25 -19.76
C LEU A 162 24.07 -4.58 -20.01
N GLU A 163 24.92 -3.57 -20.06
CA GLU A 163 26.35 -3.74 -20.16
C GLU A 163 27.00 -3.33 -18.83
N ASP A 164 28.32 -3.52 -18.74
CA ASP A 164 29.09 -3.24 -17.53
C ASP A 164 29.00 -1.80 -17.06
N ASP A 165 28.65 -0.88 -17.95
CA ASP A 165 28.56 0.52 -17.62
C ASP A 165 27.14 1.06 -17.74
N GLY A 166 26.18 0.15 -17.77
CA GLY A 166 24.80 0.50 -17.95
C GLY A 166 24.21 -0.04 -19.22
N MSE A 167 23.06 0.47 -19.54
CA MSE A 167 22.19 -0.07 -20.55
C MSE A 167 22.82 0.17 -21.91
O MSE A 167 23.49 1.18 -22.09
CB MSE A 167 20.89 0.69 -20.47
CG MSE A 167 19.76 0.22 -21.33
SE MSE A 167 18.24 1.45 -21.08
CE MSE A 167 17.35 0.58 -19.53
N ASP A 168 22.58 -0.73 -22.85
CA ASP A 168 23.09 -0.61 -24.23
C ASP A 168 22.24 0.39 -24.99
N LEU A 169 22.78 1.59 -25.12
CA LEU A 169 22.03 2.69 -25.68
C LEU A 169 21.86 2.65 -27.20
N ASN A 170 22.71 1.87 -27.86
CA ASN A 170 22.54 1.59 -29.28
C ASN A 170 21.30 0.77 -29.53
N VAL A 171 21.12 -0.30 -28.76
CA VAL A 171 19.94 -1.12 -28.87
C VAL A 171 18.74 -0.25 -28.54
N LEU A 172 18.85 0.55 -27.49
CA LEU A 172 17.72 1.38 -27.04
C LEU A 172 17.26 2.32 -28.15
N GLU A 173 18.20 3.03 -28.75
CA GLU A 173 17.89 3.94 -29.83
C GLU A 173 17.30 3.19 -31.02
N ARG A 174 17.85 2.04 -31.37
CA ARG A 174 17.31 1.31 -32.51
C ARG A 174 15.83 1.02 -32.27
N LYS A 175 15.51 0.46 -31.10
CA LYS A 175 14.14 0.05 -30.79
C LYS A 175 13.19 1.22 -30.77
N LEU A 176 13.60 2.30 -30.14
CA LEU A 176 12.78 3.48 -30.09
C LEU A 176 12.54 4.06 -31.48
N SER A 177 13.59 4.08 -32.31
CA SER A 177 13.45 4.47 -33.72
C SER A 177 12.38 3.66 -34.42
N GLU A 178 12.38 2.34 -34.23
CA GLU A 178 11.35 1.48 -34.83
C GLU A 178 9.94 1.88 -34.40
N PHE A 179 9.76 2.17 -33.11
CA PHE A 179 8.47 2.63 -32.59
C PHE A 179 8.00 3.92 -33.24
N ASP A 180 8.93 4.85 -33.39
CA ASP A 180 8.69 6.13 -33.99
C ASP A 180 8.26 5.94 -35.44
N LYS A 181 8.99 5.11 -36.17
CA LYS A 181 8.71 4.87 -37.60
C LYS A 181 7.34 4.21 -37.82
N ASN A 182 6.90 3.41 -36.85
CA ASN A 182 5.57 2.81 -36.91
C ASN A 182 4.51 3.64 -36.18
N GLY A 183 4.85 4.90 -35.87
CA GLY A 183 3.93 5.82 -35.21
C GLY A 183 3.31 5.31 -33.91
N LYS A 184 4.11 4.59 -33.12
CA LYS A 184 3.67 4.02 -31.86
C LYS A 184 4.43 4.58 -30.65
N ILE A 185 5.18 5.66 -30.84
CA ILE A 185 6.03 6.20 -29.78
C ILE A 185 5.23 6.83 -28.62
N LYS A 186 4.01 7.27 -28.90
CA LYS A 186 3.11 7.71 -27.85
C LYS A 186 2.76 6.58 -26.88
N GLN A 187 2.81 5.33 -27.34
CA GLN A 187 2.52 4.17 -26.48
C GLN A 187 3.65 3.83 -25.49
N VAL A 188 4.85 4.35 -25.72
CA VAL A 188 6.02 4.18 -24.83
C VAL A 188 6.02 5.24 -23.74
N LYS A 189 6.02 4.83 -22.48
CA LYS A 189 5.79 5.76 -21.39
C LYS A 189 7.04 6.23 -20.65
N PHE A 190 7.82 5.29 -20.16
CA PHE A 190 9.01 5.61 -19.42
C PHE A 190 10.08 4.53 -19.53
N ILE A 191 11.28 4.91 -19.07
CA ILE A 191 12.43 4.02 -18.91
C ILE A 191 12.70 3.84 -17.41
N TYR A 192 12.70 2.59 -16.98
CA TYR A 192 13.05 2.18 -15.61
C TYR A 192 14.51 1.74 -15.51
N VAL A 193 15.24 2.40 -14.61
CA VAL A 193 16.64 2.15 -14.42
C VAL A 193 16.98 2.07 -12.93
N VAL A 194 18.01 1.30 -12.63
CA VAL A 194 18.65 1.30 -11.32
C VAL A 194 20.09 1.73 -11.57
N SER A 195 20.42 2.96 -11.24
CA SER A 195 21.61 3.62 -11.72
C SER A 195 22.88 3.31 -10.88
N ASN A 196 22.72 3.04 -9.59
CA ASN A 196 23.82 2.61 -8.73
C ASN A 196 23.65 1.18 -8.25
N PHE A 197 24.64 0.36 -8.50
CA PHE A 197 24.75 -0.96 -7.89
C PHE A 197 23.48 -1.77 -8.12
N HIS A 198 23.25 -2.02 -9.38
CA HIS A 198 22.05 -2.65 -9.92
C HIS A 198 21.66 -3.89 -9.16
N ASN A 199 20.36 -4.10 -9.00
CA ASN A 199 19.86 -5.35 -8.52
C ASN A 199 19.23 -5.97 -9.76
N PRO A 200 19.77 -7.12 -10.23
CA PRO A 200 20.77 -8.02 -9.68
C PRO A 200 22.23 -7.84 -10.13
N ALA A 201 22.49 -6.94 -11.06
CA ALA A 201 23.74 -6.94 -11.83
C ALA A 201 24.97 -6.31 -11.17
N GLY A 202 24.76 -5.50 -10.14
CA GLY A 202 25.86 -4.82 -9.43
C GLY A 202 26.54 -3.70 -10.20
N VAL A 203 26.07 -3.53 -11.42
CA VAL A 203 26.55 -2.51 -12.35
C VAL A 203 26.18 -1.10 -11.91
N THR A 204 27.09 -0.16 -12.15
CA THR A 204 26.82 1.26 -11.99
C THR A 204 26.86 1.96 -13.35
N THR A 205 25.80 2.70 -13.66
CA THR A 205 25.66 3.42 -14.91
C THR A 205 26.65 4.59 -14.91
N SER A 206 27.41 4.69 -15.97
CA SER A 206 28.37 5.75 -16.15
C SER A 206 27.68 7.08 -16.28
N LEU A 207 28.39 8.14 -15.89
CA LEU A 207 27.90 9.50 -16.09
C LEU A 207 27.49 9.79 -17.52
N GLU A 208 28.27 9.31 -18.46
CA GLU A 208 28.06 9.58 -19.87
C GLU A 208 26.78 8.92 -20.34
N LYS A 209 26.53 7.69 -19.91
CA LYS A 209 25.27 7.02 -20.20
C LYS A 209 24.08 7.63 -19.45
N ARG A 210 24.29 8.13 -18.25
CA ARG A 210 23.22 8.86 -17.58
C ARG A 210 22.75 10.05 -18.42
N LYS A 211 23.70 10.87 -18.86
CA LYS A 211 23.42 12.04 -19.66
C LYS A 211 22.75 11.66 -20.98
N ALA A 212 23.24 10.60 -21.60
CA ALA A 212 22.68 10.12 -22.85
C ALA A 212 21.26 9.60 -22.67
N LEU A 213 20.97 8.92 -21.56
CA LEU A 213 19.59 8.53 -21.29
C LEU A 213 18.65 9.70 -21.20
N VAL A 214 19.08 10.79 -20.58
CA VAL A 214 18.25 11.98 -20.46
C VAL A 214 17.93 12.48 -21.87
N GLU A 215 18.94 12.49 -22.72
CA GLU A 215 18.79 12.99 -24.09
C GLU A 215 17.85 12.12 -24.91
N ILE A 216 17.99 10.79 -24.84
CA ILE A 216 17.07 9.87 -25.49
C ILE A 216 15.63 10.03 -24.96
N ALA A 217 15.47 10.16 -23.65
CA ALA A 217 14.13 10.36 -23.07
C ALA A 217 13.49 11.64 -23.60
N GLU A 218 14.28 12.69 -23.71
CA GLU A 218 13.82 13.95 -24.23
C GLU A 218 13.35 13.79 -25.67
N LYS A 219 14.18 13.17 -26.50
CA LYS A 219 13.88 12.97 -27.92
C LYS A 219 12.55 12.25 -28.13
N TYR A 220 12.28 11.20 -27.36
CA TYR A 220 11.06 10.41 -27.58
C TYR A 220 9.96 10.74 -26.59
N ASP A 221 10.10 11.88 -25.90
CA ASP A 221 9.12 12.37 -24.90
C ASP A 221 8.78 11.33 -23.86
N LEU A 222 9.81 10.74 -23.28
CA LEU A 222 9.65 9.73 -22.24
C LEU A 222 10.08 10.35 -20.93
N PHE A 223 9.61 9.82 -19.81
CA PHE A 223 10.28 10.14 -18.57
C PHE A 223 11.08 8.95 -18.09
N ILE A 224 11.95 9.22 -17.11
CA ILE A 224 12.82 8.21 -16.52
C ILE A 224 12.49 7.99 -15.05
N VAL A 225 12.31 6.72 -14.68
CA VAL A 225 12.15 6.34 -13.28
C VAL A 225 13.48 5.77 -12.79
N GLU A 226 14.16 6.53 -11.96
CA GLU A 226 15.46 6.17 -11.42
C GLU A 226 15.28 5.62 -10.00
N ASP A 227 15.42 4.30 -9.87
CA ASP A 227 15.31 3.59 -8.63
C ASP A 227 16.72 3.48 -8.04
N ASP A 228 16.91 3.99 -6.83
CA ASP A 228 18.23 4.06 -6.26
C ASP A 228 18.24 3.67 -4.78
N PRO A 229 18.07 2.38 -4.48
CA PRO A 229 18.10 1.93 -3.10
C PRO A 229 19.48 1.95 -2.44
N TYR A 230 20.53 1.94 -3.25
CA TYR A 230 21.86 1.52 -2.78
C TYR A 230 22.92 2.60 -2.83
N GLY A 231 22.55 3.79 -3.26
CA GLY A 231 23.55 4.80 -3.55
C GLY A 231 24.48 5.12 -2.41
N ALA A 232 23.95 5.18 -1.20
CA ALA A 232 24.79 5.45 -0.03
C ALA A 232 25.80 4.33 0.27
N LEU A 233 25.54 3.10 -0.22
CA LEU A 233 26.40 1.98 0.02
C LEU A 233 27.52 1.77 -0.98
N ARG A 234 28.36 2.78 -1.11
CA ARG A 234 29.48 2.81 -2.03
C ARG A 234 30.76 2.39 -1.32
N TYR A 235 31.49 1.46 -1.91
CA TYR A 235 32.71 0.94 -1.29
C TYR A 235 34.01 1.51 -1.88
N GLU A 236 33.96 1.92 -3.16
CA GLU A 236 35.07 2.59 -3.85
C GLU A 236 34.58 3.59 -4.84
N GLY A 237 35.48 4.49 -5.24
CA GLY A 237 35.19 5.47 -6.28
C GLY A 237 34.42 6.62 -5.72
N GLU A 238 33.83 7.42 -6.61
CA GLU A 238 33.13 8.62 -6.22
C GLU A 238 31.65 8.48 -6.56
N THR A 239 30.82 9.17 -5.81
CA THR A 239 29.38 9.22 -6.10
C THR A 239 29.15 9.91 -7.42
N VAL A 240 28.32 9.31 -8.27
CA VAL A 240 28.00 9.84 -9.57
C VAL A 240 26.72 10.67 -9.45
N ASP A 241 26.65 11.79 -10.16
CA ASP A 241 25.42 12.57 -10.21
C ASP A 241 24.23 11.66 -10.54
N PRO A 242 23.16 11.74 -9.79
CA PRO A 242 21.98 11.04 -10.25
C PRO A 242 21.38 11.52 -11.60
N ILE A 243 20.71 10.61 -12.30
CA ILE A 243 19.98 10.97 -13.50
C ILE A 243 18.97 12.05 -13.14
N PHE A 244 18.39 11.94 -11.95
CA PHE A 244 17.48 12.98 -11.43
C PHE A 244 18.11 14.39 -11.37
N LYS A 245 19.36 14.45 -10.94
CA LYS A 245 20.06 15.71 -10.90
C LYS A 245 20.37 16.24 -12.28
N ILE A 246 20.65 15.33 -13.21
CA ILE A 246 21.01 15.66 -14.58
C ILE A 246 19.80 16.07 -15.42
N GLY A 247 18.72 15.30 -15.39
CA GLY A 247 17.52 15.67 -16.10
C GLY A 247 16.56 16.58 -15.35
N GLY A 248 16.60 16.59 -14.02
CA GLY A 248 15.65 17.35 -13.21
C GLY A 248 14.30 16.67 -13.13
N PRO A 249 13.42 17.15 -12.24
CA PRO A 249 12.09 16.56 -12.00
C PRO A 249 11.14 16.67 -13.17
N GLU A 250 11.45 17.55 -14.11
CA GLU A 250 10.67 17.60 -15.36
C GLU A 250 10.76 16.32 -16.18
N ARG A 251 11.87 15.59 -16.05
CA ARG A 251 12.16 14.44 -16.88
C ARG A 251 12.29 13.10 -16.10
N VAL A 252 12.59 13.17 -14.80
CA VAL A 252 12.99 12.02 -13.98
C VAL A 252 12.21 11.97 -12.66
N VAL A 253 11.82 10.79 -12.22
CA VAL A 253 11.31 10.49 -10.90
C VAL A 253 12.40 9.74 -10.15
N LEU A 254 12.81 10.20 -8.96
CA LEU A 254 13.81 9.51 -8.14
C LEU A 254 13.15 8.72 -7.01
N LEU A 255 13.47 7.44 -6.93
CA LEU A 255 13.00 6.56 -5.83
C LEU A 255 14.18 6.21 -4.94
N ASN A 256 14.10 6.55 -3.67
CA ASN A 256 15.05 6.11 -2.69
C ASN A 256 14.28 5.28 -1.68
N THR A 257 14.97 4.56 -0.83
CA THR A 257 14.30 3.78 0.20
C THR A 257 15.15 3.78 1.48
N PHE A 258 14.47 3.55 2.58
CA PHE A 258 15.12 3.28 3.86
C PHE A 258 15.47 1.81 4.06
N SER A 259 15.04 0.96 3.14
CA SER A 259 15.17 -0.48 3.33
C SER A 259 16.60 -0.97 3.47
N LYS A 260 17.51 -0.41 2.69
CA LYS A 260 18.83 -0.96 2.66
C LYS A 260 19.81 -0.23 3.57
N VAL A 261 19.51 1.02 3.95
CA VAL A 261 20.41 1.84 4.78
C VAL A 261 19.92 2.05 6.19
N LEU A 262 18.65 1.72 6.48
CA LEU A 262 18.10 1.86 7.83
C LEU A 262 17.34 0.60 8.33
N ALA A 263 16.20 0.27 7.73
CA ALA A 263 15.46 -0.95 8.10
C ALA A 263 14.38 -1.20 7.11
N PRO A 264 14.35 -2.39 6.50
CA PRO A 264 13.24 -2.79 5.66
C PRO A 264 11.91 -2.69 6.35
N GLY A 265 11.89 -2.98 7.64
CA GLY A 265 10.66 -3.02 8.45
C GLY A 265 9.89 -1.73 8.60
N LEU A 266 10.55 -0.62 8.31
CA LEU A 266 9.90 0.65 8.30
C LEU A 266 9.00 0.81 7.09
N ARG A 267 9.31 0.10 6.01
CA ARG A 267 8.63 0.20 4.73
C ARG A 267 8.47 1.67 4.29
N ILE A 268 9.56 2.38 4.13
CA ILE A 268 9.54 3.74 3.66
C ILE A 268 10.32 3.95 2.37
N GLY A 269 9.60 4.28 1.31
CA GLY A 269 10.14 4.71 0.06
C GLY A 269 9.92 6.21 -0.06
N MSE A 270 10.91 6.89 -0.62
CA MSE A 270 10.84 8.29 -0.94
C MSE A 270 10.78 8.41 -2.46
O MSE A 270 11.59 7.80 -3.18
CB MSE A 270 12.10 9.02 -0.46
CG MSE A 270 12.02 10.52 -0.79
SE MSE A 270 13.56 11.21 -1.90
CE MSE A 270 13.58 10.01 -3.46
N VAL A 271 9.81 9.18 -2.93
CA VAL A 271 9.66 9.54 -4.34
C VAL A 271 9.85 11.05 -4.50
N ALA A 272 10.72 11.43 -5.42
CA ALA A 272 10.91 12.84 -5.82
C ALA A 272 10.62 13.00 -7.29
N GLY A 273 9.84 14.03 -7.60
CA GLY A 273 9.40 14.31 -8.96
C GLY A 273 8.83 15.71 -9.08
N SER A 274 8.23 15.98 -10.23
CA SER A 274 7.60 17.25 -10.52
C SER A 274 6.39 17.35 -9.64
N LYS A 275 5.95 18.55 -9.38
CA LYS A 275 4.75 18.72 -8.55
C LYS A 275 3.52 18.09 -9.19
N GLU A 276 3.46 18.06 -10.51
CA GLU A 276 2.32 17.49 -11.21
C GLU A 276 2.33 15.97 -11.03
N PHE A 277 3.50 15.35 -11.24
CA PHE A 277 3.66 13.93 -11.06
C PHE A 277 3.33 13.53 -9.61
N ILE A 278 3.93 14.22 -8.66
CA ILE A 278 3.70 13.92 -7.25
C ILE A 278 2.22 14.06 -6.86
N ARG A 279 1.52 15.08 -7.36
CA ARG A 279 0.08 15.23 -7.10
C ARG A 279 -0.70 14.00 -7.56
N LYS A 280 -0.33 13.42 -8.69
CA LYS A 280 -0.98 12.21 -9.18
C LYS A 280 -0.64 11.01 -8.33
N ILE A 281 0.61 10.86 -7.88
CA ILE A 281 0.94 9.78 -6.94
C ILE A 281 0.15 9.95 -5.64
N VAL A 282 0.01 11.17 -5.16
CA VAL A 282 -0.82 11.41 -3.97
C VAL A 282 -2.25 10.91 -4.21
N GLN A 283 -2.86 11.24 -5.35
CA GLN A 283 -4.20 10.75 -5.59
C GLN A 283 -4.23 9.23 -5.56
N ALA A 284 -3.29 8.59 -6.24
CA ALA A 284 -3.26 7.13 -6.32
C ALA A 284 -3.05 6.53 -4.94
N LYS A 285 -2.14 7.11 -4.16
CA LYS A 285 -1.83 6.55 -2.85
C LYS A 285 -3.03 6.70 -1.90
N GLN A 286 -3.78 7.78 -2.04
CA GLN A 286 -4.91 8.02 -1.18
C GLN A 286 -5.97 6.97 -1.37
N SER A 287 -6.22 6.56 -2.61
CA SER A 287 -7.17 5.47 -2.87
C SER A 287 -6.61 4.10 -2.54
N ALA A 288 -5.29 3.96 -2.59
CA ALA A 288 -4.62 2.70 -2.33
C ALA A 288 -4.54 2.38 -0.85
N ASP A 289 -4.20 3.34 0.01
CA ASP A 289 -4.08 3.06 1.45
C ASP A 289 -4.32 4.23 2.41
N LEU A 290 -4.87 5.33 1.92
CA LEU A 290 -5.11 6.58 2.68
C LEU A 290 -3.82 7.29 3.04
N CYS A 291 -3.03 6.64 3.89
CA CYS A 291 -1.71 7.10 4.26
C CYS A 291 -0.84 5.97 4.78
N SER A 292 0.47 6.23 4.84
CA SER A 292 1.40 5.35 5.49
C SER A 292 1.32 5.47 7.01
N PRO A 293 1.84 4.48 7.74
CA PRO A 293 1.82 4.60 9.19
C PRO A 293 2.70 5.77 9.63
N ALA A 294 2.08 6.79 10.23
CA ALA A 294 2.78 7.96 10.81
C ALA A 294 3.85 7.55 11.80
N ILE A 295 3.64 6.44 12.47
CA ILE A 295 4.61 5.88 13.40
C ILE A 295 5.96 5.68 12.73
N THR A 296 5.95 5.13 11.53
CA THR A 296 7.20 4.83 10.82
C THR A 296 7.90 6.09 10.34
N HIS A 297 7.13 7.03 9.82
CA HIS A 297 7.68 8.27 9.31
C HIS A 297 8.33 9.08 10.39
N ARG A 298 7.64 9.23 11.51
CA ARG A 298 8.14 10.14 12.55
C ARG A 298 9.36 9.47 13.22
N LEU A 299 9.35 8.15 13.31
CA LEU A 299 10.48 7.43 13.88
C LEU A 299 11.73 7.69 13.06
N ALA A 300 11.61 7.56 11.74
CA ALA A 300 12.72 7.81 10.83
C ALA A 300 13.17 9.25 10.90
N ALA A 301 12.21 10.15 11.07
CA ALA A 301 12.46 11.57 11.04
C ALA A 301 13.25 11.96 12.26
N ARG A 302 12.83 11.46 13.42
CA ARG A 302 13.57 11.79 14.66
C ARG A 302 14.96 11.15 14.72
N TYR A 303 15.08 9.93 14.20
CA TYR A 303 16.38 9.28 14.09
C TYR A 303 17.34 10.16 13.30
N LEU A 304 16.88 10.60 12.14
CA LEU A 304 17.71 11.40 11.25
C LEU A 304 18.06 12.79 11.82
N GLU A 305 17.15 13.37 12.58
CA GLU A 305 17.40 14.62 13.29
C GLU A 305 18.50 14.47 14.31
N ARG A 306 18.56 13.31 14.93
CA ARG A 306 19.46 13.08 16.05
C ARG A 306 20.78 12.39 15.68
N TYR A 307 20.77 11.60 14.62
CA TYR A 307 21.97 10.90 14.15
C TYR A 307 22.20 11.18 12.69
N ASP A 308 23.46 11.39 12.31
CA ASP A 308 23.82 11.60 10.94
C ASP A 308 23.93 10.24 10.25
N LEU A 309 22.96 9.94 9.40
CA LEU A 309 22.86 8.64 8.73
C LEU A 309 24.12 8.33 7.96
N LEU A 310 24.65 9.31 7.25
CA LEU A 310 25.83 9.10 6.46
C LEU A 310 27.07 8.76 7.31
N GLU A 311 27.13 9.27 8.54
CA GLU A 311 28.17 8.92 9.48
C GLU A 311 27.91 7.55 10.09
N GLN A 312 26.66 7.28 10.46
CA GLN A 312 26.32 6.05 11.14
C GLN A 312 26.51 4.88 10.16
N LEU A 313 26.43 5.18 8.88
CA LEU A 313 26.69 4.17 7.85
C LEU A 313 28.13 3.75 7.75
N LYS A 314 29.08 4.56 8.20
CA LYS A 314 30.46 4.22 7.89
C LYS A 314 30.92 2.81 8.36
N PRO A 315 30.61 2.39 9.59
CA PRO A 315 31.06 1.02 9.92
C PRO A 315 30.32 -0.06 9.17
N THR A 316 29.10 0.22 8.74
CA THR A 316 28.36 -0.78 7.95
C THR A 316 28.97 -0.91 6.55
N ILE A 317 29.33 0.23 5.95
CA ILE A 317 30.04 0.27 4.68
C ILE A 317 31.38 -0.46 4.75
N GLU A 318 32.13 -0.27 5.83
CA GLU A 318 33.40 -1.00 6.07
C GLU A 318 33.18 -2.50 6.12
N LEU A 319 32.18 -2.93 6.84
CA LEU A 319 31.82 -4.32 6.94
C LEU A 319 31.42 -4.89 5.57
N TYR A 320 30.47 -4.27 4.87
CA TYR A 320 30.04 -4.81 3.59
C TYR A 320 31.17 -4.80 2.57
N ARG A 321 32.01 -3.75 2.59
CA ARG A 321 33.18 -3.72 1.74
C ARG A 321 34.13 -4.87 1.96
N ARG A 322 34.33 -5.22 3.22
CA ARG A 322 35.20 -6.32 3.54
C ARG A 322 34.63 -7.58 2.92
N LYS A 323 33.36 -7.84 3.17
CA LYS A 323 32.73 -9.04 2.70
C LYS A 323 32.66 -9.13 1.16
N ARG A 324 32.42 -8.00 0.51
CA ARG A 324 32.44 -7.92 -0.95
C ARG A 324 33.79 -8.33 -1.50
N THR A 325 34.84 -7.83 -0.86
CA THR A 325 36.20 -8.15 -1.25
C THR A 325 36.57 -9.62 -1.03
N VAL A 326 36.12 -10.20 0.09
CA VAL A 326 36.22 -11.63 0.32
C VAL A 326 35.60 -12.45 -0.82
N MSE A 327 34.39 -12.08 -1.23
CA MSE A 327 33.76 -12.81 -2.29
C MSE A 327 34.47 -12.64 -3.63
O MSE A 327 34.58 -13.60 -4.35
CB MSE A 327 32.29 -12.42 -2.43
CG MSE A 327 31.59 -13.26 -3.48
SE MSE A 327 29.73 -12.78 -3.59
CE MSE A 327 28.96 -14.14 -2.12
N LEU A 328 34.87 -11.43 -3.96
CA LEU A 328 35.56 -11.18 -5.19
C LEU A 328 36.92 -11.92 -5.23
N ASN A 329 37.61 -11.97 -4.10
CA ASN A 329 38.85 -12.73 -3.99
C ASN A 329 38.62 -14.23 -4.15
N ALA A 330 37.54 -14.74 -3.59
CA ALA A 330 37.21 -16.16 -3.65
C ALA A 330 36.82 -16.52 -5.08
N LEU A 331 36.10 -15.62 -5.72
CA LEU A 331 35.76 -15.80 -7.14
C LEU A 331 37.01 -15.85 -8.02
N GLU A 332 37.94 -14.96 -7.77
CA GLU A 332 39.17 -14.97 -8.49
C GLU A 332 39.97 -16.24 -8.24
N GLU A 333 39.93 -16.72 -7.01
CA GLU A 333 40.67 -17.94 -6.68
C GLU A 333 40.01 -19.16 -7.32
N TYR A 334 38.69 -19.27 -7.26
CA TYR A 334 38.06 -20.52 -7.60
C TYR A 334 37.33 -20.55 -8.94
N PHE A 335 37.25 -19.43 -9.63
CA PHE A 335 36.49 -19.39 -10.88
C PHE A 335 37.30 -18.83 -12.04
N SER A 336 38.61 -18.83 -11.90
CA SER A 336 39.47 -18.28 -12.92
C SER A 336 39.94 -19.29 -13.97
N ASP A 337 39.58 -20.57 -13.84
CA ASP A 337 40.05 -21.56 -14.80
C ASP A 337 38.95 -22.12 -15.69
N ILE A 338 37.79 -21.50 -15.70
CA ILE A 338 36.70 -21.96 -16.52
C ILE A 338 36.49 -20.94 -17.63
N PRO A 339 36.87 -21.24 -18.87
CA PRO A 339 36.74 -20.23 -19.90
C PRO A 339 35.30 -19.77 -20.12
N GLY A 340 35.09 -18.46 -20.21
CA GLY A 340 33.74 -17.90 -20.41
C GLY A 340 33.02 -17.44 -19.14
N VAL A 341 33.56 -17.77 -17.97
CA VAL A 341 32.98 -17.28 -16.74
C VAL A 341 33.29 -15.77 -16.64
N LYS A 342 32.36 -14.99 -16.15
CA LYS A 342 32.65 -13.60 -15.86
C LYS A 342 31.76 -13.09 -14.73
N TRP A 343 32.18 -12.01 -14.10
CA TRP A 343 31.42 -11.39 -13.06
C TRP A 343 31.70 -9.91 -12.97
N VAL A 344 30.66 -9.21 -12.49
CA VAL A 344 30.70 -7.80 -12.24
C VAL A 344 31.41 -7.51 -10.92
N LYS A 345 32.47 -6.73 -10.98
CA LYS A 345 33.19 -6.34 -9.78
C LYS A 345 32.52 -5.10 -9.15
N SER A 346 31.40 -5.35 -8.48
CA SER A 346 30.55 -4.31 -7.89
C SER A 346 31.29 -3.39 -6.94
N GLU A 347 31.03 -2.09 -7.08
CA GLU A 347 31.66 -1.06 -6.27
C GLU A 347 30.80 -0.58 -5.10
N GLY A 348 29.66 -1.24 -4.90
CA GLY A 348 28.76 -0.88 -3.87
C GLY A 348 27.63 -1.84 -3.82
N GLY A 349 26.72 -1.64 -2.89
CA GLY A 349 25.52 -2.44 -2.84
C GLY A 349 25.70 -3.81 -2.26
N LEU A 350 24.77 -4.71 -2.64
CA LEU A 350 24.65 -6.03 -2.01
C LEU A 350 24.97 -7.20 -2.91
N PHE A 351 25.20 -6.95 -4.21
CA PHE A 351 25.25 -8.04 -5.18
C PHE A 351 26.48 -8.09 -6.09
N ILE A 352 26.86 -9.33 -6.41
CA ILE A 352 27.73 -9.68 -7.51
C ILE A 352 26.94 -10.60 -8.43
N TRP A 353 27.00 -10.29 -9.70
CA TRP A 353 26.29 -11.00 -10.71
C TRP A 353 27.28 -11.83 -11.46
N LEU A 354 27.11 -13.12 -11.41
CA LEU A 354 28.08 -14.04 -12.03
C LEU A 354 27.47 -14.71 -13.23
N THR A 355 28.26 -14.81 -14.31
CA THR A 355 27.75 -15.38 -15.53
C THR A 355 28.62 -16.53 -15.96
N LEU A 356 28.01 -17.69 -16.13
CA LEU A 356 28.74 -18.89 -16.50
C LEU A 356 28.80 -18.97 -18.01
N PRO A 357 29.60 -19.89 -18.54
CA PRO A 357 29.73 -19.96 -19.99
C PRO A 357 28.42 -20.37 -20.68
N GLU A 358 28.34 -20.13 -21.98
CA GLU A 358 27.14 -20.51 -22.74
C GLU A 358 26.85 -21.99 -22.59
N GLY A 359 25.57 -22.33 -22.48
CA GLY A 359 25.16 -23.67 -22.27
C GLY A 359 24.78 -23.96 -20.83
N PHE A 360 25.36 -23.23 -19.90
CA PHE A 360 25.01 -23.36 -18.51
C PHE A 360 23.65 -22.76 -18.29
N ASP A 361 22.82 -23.51 -17.57
CA ASP A 361 21.47 -23.07 -17.19
C ASP A 361 21.41 -23.10 -15.69
N THR A 362 21.36 -21.92 -15.07
CA THR A 362 21.45 -21.85 -13.60
C THR A 362 20.18 -22.26 -12.84
N TRP A 363 19.08 -22.42 -13.57
CA TRP A 363 17.87 -23.00 -13.03
C TRP A 363 17.99 -24.52 -12.94
N GLU A 364 18.33 -25.16 -14.04
CA GLU A 364 18.66 -26.59 -14.10
C GLU A 364 19.75 -26.91 -13.04
N MSE A 365 20.78 -26.06 -12.93
CA MSE A 365 21.86 -26.29 -12.01
C MSE A 365 21.44 -26.18 -10.55
O MSE A 365 22.15 -26.64 -9.67
CB MSE A 365 23.03 -25.29 -12.27
CG MSE A 365 24.28 -25.63 -11.54
SE MSE A 365 25.77 -24.40 -12.24
CE MSE A 365 25.50 -23.12 -10.79
N PHE A 366 20.29 -25.57 -10.26
CA PHE A 366 19.93 -25.19 -8.89
C PHE A 366 19.73 -26.44 -8.04
N GLU A 367 19.34 -27.53 -8.66
CA GLU A 367 19.23 -28.81 -7.95
C GLU A 367 20.55 -29.28 -7.37
N TYR A 368 21.63 -29.06 -8.14
CA TYR A 368 22.98 -29.48 -7.69
C TYR A 368 23.40 -28.59 -6.54
N ALA A 369 22.97 -27.32 -6.60
CA ALA A 369 23.28 -26.34 -5.56
C ALA A 369 22.56 -26.71 -4.27
N LYS A 370 21.28 -27.01 -4.35
CA LYS A 370 20.53 -27.37 -3.16
C LYS A 370 21.11 -28.61 -2.52
N ARG A 371 21.54 -29.57 -3.35
CA ARG A 371 22.18 -30.79 -2.88
C ARG A 371 23.48 -30.52 -2.09
N LYS A 372 24.24 -29.50 -2.49
CA LYS A 372 25.44 -29.10 -1.81
C LYS A 372 25.11 -28.06 -0.71
N LYS A 373 23.85 -27.66 -0.60
CA LYS A 373 23.38 -26.64 0.33
C LYS A 373 24.12 -25.33 0.13
N VAL A 374 24.30 -24.94 -1.13
CA VAL A 374 24.75 -23.59 -1.43
C VAL A 374 23.66 -22.89 -2.27
N PHE A 375 23.30 -21.65 -1.93
CA PHE A 375 22.16 -20.92 -2.56
C PHE A 375 22.54 -19.61 -3.26
N TYR A 376 21.88 -19.36 -4.38
CA TYR A 376 22.03 -18.12 -5.13
C TYR A 376 20.66 -17.88 -5.74
N VAL A 377 20.48 -16.76 -6.46
CA VAL A 377 19.23 -16.54 -7.21
C VAL A 377 19.49 -16.78 -8.67
N PRO A 378 18.83 -17.80 -9.23
CA PRO A 378 19.03 -18.06 -10.65
C PRO A 378 18.65 -16.85 -11.48
N GLY A 379 19.44 -16.58 -12.52
CA GLY A 379 19.21 -15.41 -13.34
C GLY A 379 17.86 -15.29 -14.07
N ARG A 380 17.16 -16.40 -14.29
CA ARG A 380 15.90 -16.38 -15.04
C ARG A 380 14.86 -15.54 -14.34
N VAL A 381 15.00 -15.43 -13.02
CA VAL A 381 14.11 -14.69 -12.18
C VAL A 381 14.05 -13.21 -12.54
N PHE A 382 15.15 -12.71 -13.10
CA PHE A 382 15.34 -11.28 -13.44
C PHE A 382 15.16 -10.95 -14.93
N LYS A 383 14.53 -11.87 -15.66
CA LYS A 383 14.26 -11.78 -17.08
C LYS A 383 12.75 -11.58 -17.30
N VAL A 384 12.34 -10.52 -17.97
CA VAL A 384 10.92 -10.26 -18.18
C VAL A 384 10.22 -11.43 -18.85
N TYR A 385 10.87 -12.02 -19.86
CA TYR A 385 10.29 -13.15 -20.62
C TYR A 385 10.77 -14.54 -20.19
N ASP A 386 11.56 -14.59 -19.14
CA ASP A 386 11.74 -15.83 -18.37
C ASP A 386 12.54 -16.91 -19.08
N GLU A 387 13.36 -16.50 -20.03
CA GLU A 387 14.14 -17.44 -20.81
C GLU A 387 15.31 -17.98 -19.99
N PRO A 388 15.94 -19.08 -20.43
CA PRO A 388 17.05 -19.64 -19.67
C PRO A 388 18.24 -18.68 -19.56
N SER A 389 18.99 -18.85 -18.49
CA SER A 389 20.06 -17.94 -18.13
C SER A 389 21.27 -18.67 -17.61
N PRO A 390 22.48 -18.25 -18.01
CA PRO A 390 23.69 -18.78 -17.44
C PRO A 390 24.18 -17.97 -16.23
N SER A 391 23.42 -16.96 -15.78
CA SER A 391 23.80 -16.11 -14.67
C SER A 391 23.06 -16.37 -13.38
N MSE A 392 23.59 -15.79 -12.32
CA MSE A 392 23.03 -15.90 -11.01
C MSE A 392 23.38 -14.65 -10.21
O MSE A 392 24.42 -14.03 -10.41
CB MSE A 392 23.55 -17.14 -10.30
CG MSE A 392 25.01 -17.07 -9.97
SE MSE A 392 25.78 -18.79 -9.57
CE MSE A 392 25.52 -19.62 -11.15
N ARG A 393 22.48 -14.28 -9.31
CA ARG A 393 22.75 -13.25 -8.34
C ARG A 393 23.32 -13.81 -7.04
N LEU A 394 24.42 -13.20 -6.61
CA LEU A 394 25.01 -13.50 -5.32
C LEU A 394 25.09 -12.28 -4.44
N SER A 395 24.77 -12.48 -3.17
CA SER A 395 24.98 -11.45 -2.14
C SER A 395 25.94 -11.85 -1.02
N PHE A 396 26.83 -10.92 -0.67
CA PHE A 396 27.90 -11.14 0.27
C PHE A 396 27.56 -10.54 1.63
N CYS A 397 26.34 -10.05 1.77
CA CYS A 397 25.98 -9.25 2.92
C CYS A 397 25.90 -10.05 4.20
N LEU A 398 25.21 -11.17 4.13
CA LEU A 398 24.84 -11.92 5.32
C LEU A 398 25.87 -12.92 5.80
N PRO A 399 26.39 -13.78 4.92
CA PRO A 399 27.24 -14.80 5.50
C PRO A 399 28.54 -14.25 6.14
N PRO A 400 29.02 -14.90 7.20
CA PRO A 400 30.36 -14.58 7.70
C PRO A 400 31.46 -14.85 6.68
N ASP A 401 32.56 -14.11 6.79
CA ASP A 401 33.66 -14.20 5.85
C ASP A 401 34.09 -15.61 5.53
N GLU A 402 34.38 -16.41 6.55
CA GLU A 402 34.78 -17.78 6.33
C GLU A 402 33.73 -18.60 5.54
N LYS A 403 32.44 -18.29 5.68
CA LYS A 403 31.41 -18.95 4.91
C LYS A 403 31.26 -18.43 3.48
N ILE A 404 31.69 -17.20 3.23
CA ILE A 404 31.72 -16.71 1.88
C ILE A 404 32.72 -17.55 1.10
N VAL A 405 33.91 -17.74 1.65
CA VAL A 405 34.92 -18.56 0.97
C VAL A 405 34.46 -20.01 0.81
N GLU A 406 33.88 -20.59 1.86
CA GLU A 406 33.44 -21.97 1.79
C GLU A 406 32.28 -22.14 0.80
N GLY A 407 31.39 -21.17 0.74
CA GLY A 407 30.25 -21.18 -0.17
C GLY A 407 30.68 -21.11 -1.64
N ILE A 408 31.60 -20.21 -1.94
CA ILE A 408 32.18 -20.08 -3.25
C ILE A 408 32.90 -21.39 -3.68
N LYS A 409 33.63 -22.04 -2.78
CA LYS A 409 34.17 -23.35 -3.06
C LYS A 409 33.07 -24.36 -3.38
N ARG A 410 31.97 -24.36 -2.62
CA ARG A 410 30.85 -25.26 -2.92
C ARG A 410 30.24 -24.99 -4.30
N LEU A 411 30.18 -23.73 -4.68
CA LEU A 411 29.62 -23.36 -5.96
C LEU A 411 30.53 -23.85 -7.07
N ARG A 412 31.83 -23.74 -6.89
CA ARG A 412 32.77 -24.30 -7.85
C ARG A 412 32.46 -25.80 -8.05
N GLU A 413 32.30 -26.55 -6.97
CA GLU A 413 31.99 -27.96 -7.06
C GLU A 413 30.70 -28.19 -7.80
N VAL A 414 29.68 -27.38 -7.50
CA VAL A 414 28.42 -27.43 -8.21
C VAL A 414 28.61 -27.26 -9.75
N VAL A 415 29.34 -26.22 -10.13
CA VAL A 415 29.57 -25.88 -11.53
C VAL A 415 30.30 -27.02 -12.22
N LEU A 416 31.24 -27.65 -11.53
CA LEU A 416 32.08 -28.69 -12.12
C LEU A 416 31.26 -29.97 -12.32
N GLU A 417 30.44 -30.30 -11.34
CA GLU A 417 29.55 -31.48 -11.39
C GLU A 417 28.54 -31.36 -12.52
N TYR A 418 27.80 -30.26 -12.52
CA TYR A 418 26.78 -29.99 -13.51
C TYR A 418 27.43 -29.84 -14.88
N GLY A 419 28.51 -29.08 -14.94
CA GLY A 419 29.21 -28.86 -16.20
C GLY A 419 29.70 -30.14 -16.82
N LYS A 420 30.16 -31.06 -16.00
CA LYS A 420 30.62 -32.33 -16.50
C LYS A 420 29.46 -33.25 -16.88
N GLU A 421 28.36 -33.24 -16.14
CA GLU A 421 27.20 -34.04 -16.56
C GLU A 421 26.67 -33.61 -17.92
N LYS A 422 26.73 -32.32 -18.21
CA LYS A 422 26.23 -31.74 -19.43
C LYS A 422 27.28 -31.69 -20.54
N HIS A 423 28.50 -32.16 -20.27
CA HIS A 423 29.60 -32.16 -21.22
C HIS A 423 29.94 -30.75 -21.66
N LEU A 424 29.83 -29.81 -20.72
CA LEU A 424 30.27 -28.43 -20.93
C LEU A 424 31.71 -28.22 -20.48
N LEU A 425 32.23 -29.11 -19.63
CA LEU A 425 33.60 -29.05 -19.14
C LEU A 425 34.23 -30.46 -19.14
N HIS B 10 8.92 23.72 -23.43
CA HIS B 10 8.02 24.57 -22.61
C HIS B 10 7.32 23.75 -21.52
N HIS B 11 6.89 24.43 -20.46
CA HIS B 11 6.13 23.80 -19.37
C HIS B 11 4.99 22.86 -19.79
N HIS B 12 4.55 22.92 -21.04
CA HIS B 12 3.54 21.98 -21.53
C HIS B 12 4.10 20.71 -22.20
N MSE B 13 5.08 20.10 -21.53
CA MSE B 13 5.30 18.64 -21.47
C MSE B 13 4.42 18.07 -20.33
O MSE B 13 4.28 16.85 -20.15
CB MSE B 13 6.77 18.32 -21.17
N VAL B 14 3.83 18.97 -19.54
CA VAL B 14 2.75 18.62 -18.63
C VAL B 14 1.61 17.94 -19.41
N VAL B 15 1.34 18.46 -20.61
CA VAL B 15 0.33 17.90 -21.49
C VAL B 15 0.74 16.51 -21.94
N ASN B 16 2.04 16.31 -22.22
CA ASN B 16 2.52 14.98 -22.62
C ASN B 16 2.28 13.97 -21.48
N LEU B 17 2.65 14.36 -20.27
CA LEU B 17 2.45 13.50 -19.11
C LEU B 17 0.98 13.15 -18.93
N GLU B 18 0.10 14.12 -19.08
CA GLU B 18 -1.33 13.88 -18.96
C GLU B 18 -1.77 12.93 -20.08
N GLY B 19 -1.13 13.02 -21.22
CA GLY B 19 -1.38 12.10 -22.32
C GLY B 19 -0.92 10.68 -22.04
N LYS B 20 0.11 10.53 -21.21
CA LYS B 20 0.63 9.19 -20.86
C LYS B 20 -0.19 8.43 -19.82
N ILE B 21 -1.06 9.13 -19.10
CA ILE B 21 -1.77 8.55 -18.00
C ILE B 21 -2.79 7.54 -18.50
N SER B 22 -2.90 6.42 -17.78
CA SER B 22 -3.77 5.31 -18.11
C SER B 22 -5.24 5.61 -17.85
N LYS B 23 -6.11 4.71 -18.29
CA LYS B 23 -7.54 4.85 -18.03
C LYS B 23 -7.78 4.85 -16.53
N ILE B 24 -7.18 3.93 -15.77
CA ILE B 24 -7.33 3.95 -14.31
C ILE B 24 -6.92 5.31 -13.78
N GLY B 25 -5.78 5.80 -14.26
CA GLY B 25 -5.27 7.11 -13.85
C GLY B 25 -6.23 8.23 -14.20
N GLN B 26 -6.94 8.10 -15.31
CA GLN B 26 -7.95 9.10 -15.70
C GLN B 26 -9.24 9.06 -14.87
N ASN B 27 -9.59 7.88 -14.35
CA ASN B 27 -10.83 7.69 -13.59
C ASN B 27 -10.66 7.80 -12.11
N MSE B 28 -9.59 8.46 -11.70
CA MSE B 28 -9.22 8.53 -10.31
C MSE B 28 -9.77 9.76 -9.66
O MSE B 28 -9.50 10.87 -10.12
CB MSE B 28 -7.72 8.58 -10.15
CG MSE B 28 -7.15 7.30 -9.72
SE MSE B 28 -5.29 7.64 -9.52
CE MSE B 28 -4.68 5.63 -9.74
N LYS B 29 -10.47 9.56 -8.54
CA LYS B 29 -11.05 10.68 -7.81
C LYS B 29 -10.19 10.99 -6.59
N SER B 30 -9.86 12.28 -6.44
CA SER B 30 -9.23 12.80 -5.22
C SER B 30 -10.32 12.94 -4.12
N SER B 31 -9.93 12.85 -2.85
CA SER B 31 -10.88 13.22 -1.79
C SER B 31 -10.90 14.75 -1.61
N ILE B 32 -12.12 15.24 -1.73
CA ILE B 32 -12.61 16.60 -1.54
C ILE B 32 -12.60 17.02 -0.06
N ILE B 33 -12.60 16.07 0.86
CA ILE B 33 -12.76 16.38 2.28
C ILE B 33 -11.59 17.23 2.78
N ARG B 34 -10.39 16.88 2.35
CA ARG B 34 -9.20 17.69 2.62
C ARG B 34 -9.39 19.12 2.16
N GLU B 35 -10.03 19.32 1.01
CA GLU B 35 -10.24 20.68 0.53
C GLU B 35 -11.30 21.42 1.37
N ILE B 36 -12.43 20.79 1.64
CA ILE B 36 -13.53 21.52 2.24
C ILE B 36 -13.27 21.79 3.73
N LEU B 37 -12.47 20.94 4.37
CA LEU B 37 -12.10 21.15 5.76
C LEU B 37 -10.75 21.83 5.95
N LYS B 38 -10.22 22.45 4.91
CA LYS B 38 -8.93 23.15 4.95
C LYS B 38 -8.78 24.09 6.14
N PHE B 39 -9.85 24.80 6.48
CA PHE B 39 -9.79 25.83 7.53
C PHE B 39 -10.57 25.46 8.79
N ALA B 40 -10.84 24.18 8.96
CA ALA B 40 -11.73 23.70 10.02
C ALA B 40 -11.04 23.59 11.38
N ALA B 41 -9.72 23.75 11.39
CA ALA B 41 -8.93 23.87 12.63
C ALA B 41 -8.60 25.30 13.01
N ASP B 42 -9.15 26.30 12.31
CA ASP B 42 -9.03 27.68 12.70
C ASP B 42 -9.48 27.92 14.14
N LYS B 43 -8.92 28.99 14.73
CA LYS B 43 -9.10 29.32 16.14
C LYS B 43 -10.54 29.22 16.64
N ASP B 44 -11.44 29.94 15.99
CA ASP B 44 -12.81 30.00 16.46
C ASP B 44 -13.73 28.96 15.78
N ALA B 45 -13.15 28.04 15.02
CA ALA B 45 -13.94 27.07 14.25
C ALA B 45 -14.38 25.93 15.08
N ILE B 46 -15.54 25.35 14.72
CA ILE B 46 -16.01 24.12 15.32
C ILE B 46 -16.28 23.18 14.17
N SER B 47 -15.65 22.01 14.18
CA SER B 47 -15.83 21.00 13.12
C SER B 47 -16.50 19.69 13.56
N PHE B 48 -17.55 19.36 12.83
CA PHE B 48 -18.20 18.08 12.88
C PHE B 48 -17.81 17.26 11.66
N GLY B 49 -16.73 17.67 11.01
CA GLY B 49 -16.34 17.05 9.73
C GLY B 49 -15.45 15.85 9.84
N GLY B 50 -14.92 15.60 11.05
CA GLY B 50 -13.94 14.55 11.23
C GLY B 50 -14.52 13.16 11.02
N GLY B 51 -13.69 12.29 10.48
CA GLY B 51 -13.96 10.84 10.43
C GLY B 51 -12.91 10.04 11.19
N VAL B 52 -12.37 10.62 12.25
CA VAL B 52 -11.22 10.05 12.95
C VAL B 52 -11.54 9.91 14.42
N PRO B 53 -10.86 8.97 15.10
CA PRO B 53 -10.99 8.87 16.53
C PRO B 53 -10.26 9.95 17.27
N ASP B 54 -10.58 10.07 18.56
CA ASP B 54 -9.95 11.07 19.45
C ASP B 54 -8.63 10.49 19.97
N PRO B 55 -7.49 11.15 19.66
CA PRO B 55 -6.21 10.59 20.09
C PRO B 55 -6.01 10.53 21.61
N GLU B 56 -6.80 11.29 22.37
CA GLU B 56 -6.70 11.27 23.80
C GLU B 56 -7.23 9.95 24.36
N THR B 57 -7.84 9.12 23.54
CA THR B 57 -8.32 7.80 23.99
C THR B 57 -7.33 6.66 23.68
N PHE B 58 -6.33 6.95 22.85
CA PHE B 58 -5.37 5.92 22.46
C PHE B 58 -4.56 5.42 23.70
N PRO B 59 -4.22 4.12 23.73
CA PRO B 59 -3.40 3.57 24.81
C PRO B 59 -1.94 3.85 24.54
N ARG B 60 -1.59 5.14 24.56
CA ARG B 60 -0.27 5.58 24.15
C ARG B 60 0.87 5.08 25.02
N LYS B 61 0.67 5.02 26.32
CA LYS B 61 1.69 4.53 27.24
C LYS B 61 1.94 3.02 27.04
N GLU B 62 0.85 2.29 26.88
CA GLU B 62 0.90 0.84 26.70
C GLU B 62 1.62 0.49 25.41
N LEU B 63 1.27 1.20 24.34
CA LEU B 63 1.90 1.00 23.02
C LEU B 63 3.36 1.43 22.95
N ALA B 64 3.69 2.50 23.64
CA ALA B 64 5.05 3.01 23.62
C ALA B 64 6.07 2.05 24.22
N GLU B 65 5.70 1.47 25.35
CA GLU B 65 6.49 0.51 26.09
C GLU B 65 6.73 -0.72 25.21
N ILE B 66 5.66 -1.22 24.61
CA ILE B 66 5.72 -2.39 23.77
C ILE B 66 6.59 -2.14 22.55
N ALA B 67 6.41 -0.98 21.92
CA ALA B 67 7.23 -0.60 20.77
C ALA B 67 8.69 -0.69 21.07
N LYS B 68 9.10 -0.17 22.20
CA LYS B 68 10.52 -0.23 22.57
C LYS B 68 11.03 -1.69 22.70
N GLU B 69 10.22 -2.51 23.34
CA GLU B 69 10.54 -3.92 23.53
C GLU B 69 10.68 -4.75 22.26
N ILE B 70 9.71 -4.63 21.37
CA ILE B 70 9.76 -5.37 20.11
C ILE B 70 10.83 -4.87 19.15
N ILE B 71 11.24 -3.61 19.25
CA ILE B 71 12.30 -3.16 18.38
C ILE B 71 13.64 -3.61 18.91
N GLU B 72 13.80 -3.56 20.22
CA GLU B 72 15.06 -3.85 20.83
C GLU B 72 15.27 -5.38 20.89
N LYS B 73 14.24 -6.11 21.29
CA LYS B 73 14.31 -7.54 21.56
C LYS B 73 13.82 -8.45 20.43
N GLU B 74 12.94 -7.95 19.57
CA GLU B 74 12.37 -8.72 18.46
C GLU B 74 12.74 -8.21 17.07
N TYR B 75 13.91 -7.59 16.97
CA TYR B 75 14.31 -6.87 15.79
C TYR B 75 14.49 -7.75 14.55
N HIS B 76 14.76 -9.03 14.74
CA HIS B 76 14.88 -9.95 13.61
C HIS B 76 13.56 -10.08 12.90
N TYR B 77 12.49 -9.88 13.63
CA TYR B 77 11.19 -9.82 13.02
C TYR B 77 10.81 -8.39 12.61
N THR B 78 10.84 -7.47 13.57
CA THR B 78 10.29 -6.13 13.40
C THR B 78 11.02 -5.16 12.46
N LEU B 79 12.30 -5.35 12.25
CA LEU B 79 13.03 -4.41 11.43
C LEU B 79 13.37 -4.99 10.05
N GLN B 80 13.02 -6.26 9.81
CA GLN B 80 13.35 -6.94 8.56
C GLN B 80 12.12 -7.06 7.73
N TYR B 81 12.27 -7.35 6.45
CA TYR B 81 11.12 -7.73 5.65
C TYR B 81 10.37 -8.87 6.36
N SER B 82 9.06 -8.88 6.19
CA SER B 82 8.20 -9.91 6.71
C SER B 82 7.40 -10.55 5.60
N THR B 83 6.64 -11.57 5.92
CA THR B 83 5.85 -12.25 4.93
C THR B 83 4.67 -11.37 4.54
N THR B 84 4.25 -11.47 3.29
CA THR B 84 3.09 -10.72 2.79
C THR B 84 1.83 -11.19 3.53
N GLU B 85 1.82 -12.46 3.93
CA GLU B 85 0.70 -13.07 4.63
C GLU B 85 0.40 -12.39 5.95
N GLY B 86 1.41 -11.80 6.55
CA GLY B 86 1.26 -11.09 7.81
C GLY B 86 1.67 -11.88 9.02
N ASP B 87 1.80 -11.16 10.13
CA ASP B 87 2.33 -11.70 11.37
C ASP B 87 1.44 -12.79 11.93
N PRO B 88 1.95 -14.01 12.03
CA PRO B 88 1.18 -15.09 12.63
C PRO B 88 0.88 -14.88 14.10
N VAL B 89 1.75 -14.16 14.81
CA VAL B 89 1.46 -13.86 16.23
C VAL B 89 0.19 -13.01 16.32
N LEU B 90 0.10 -12.02 15.42
CA LEU B 90 -1.07 -11.17 15.33
C LEU B 90 -2.27 -11.99 14.92
N LYS B 91 -2.09 -12.89 13.95
CA LYS B 91 -3.20 -13.69 13.45
C LYS B 91 -3.81 -14.54 14.55
N GLN B 92 -2.98 -15.10 15.42
CA GLN B 92 -3.52 -15.87 16.54
C GLN B 92 -4.36 -15.00 17.46
N GLN B 93 -3.99 -13.73 17.65
CA GLN B 93 -4.81 -12.84 18.46
C GLN B 93 -6.11 -12.45 17.79
N ILE B 94 -6.10 -12.30 16.48
CA ILE B 94 -7.31 -11.95 15.71
C ILE B 94 -8.29 -13.09 15.77
N LEU B 95 -7.79 -14.33 15.68
CA LEU B 95 -8.68 -15.51 15.74
C LEU B 95 -9.45 -15.56 17.11
N LYS B 96 -8.69 -15.32 18.16
CA LYS B 96 -9.23 -15.16 19.51
C LYS B 96 -10.26 -14.02 19.58
N LEU B 97 -9.89 -12.83 19.13
CA LEU B 97 -10.78 -11.68 19.15
C LEU B 97 -12.08 -11.89 18.37
N LEU B 98 -12.01 -12.46 17.17
CA LEU B 98 -13.21 -12.73 16.38
C LEU B 98 -14.12 -13.61 17.18
N GLU B 99 -13.56 -14.60 17.86
CA GLU B 99 -14.41 -15.46 18.64
C GLU B 99 -15.01 -14.72 19.83
N ARG B 100 -14.23 -13.90 20.53
CA ARG B 100 -14.75 -13.22 21.70
C ARG B 100 -15.69 -12.11 21.33
N MSE B 101 -15.41 -11.40 20.25
CA MSE B 101 -16.31 -10.35 19.79
C MSE B 101 -17.61 -10.83 19.13
O MSE B 101 -18.67 -10.24 19.34
CB MSE B 101 -15.60 -9.43 18.81
CG MSE B 101 -14.85 -8.31 19.47
CG MSE B 101 -15.04 -8.19 19.46
SE MSE B 101 -14.11 -7.10 18.16
SE MSE B 101 -16.48 -6.89 19.85
CE MSE B 101 -15.84 -6.48 17.41
CE MSE B 101 -16.93 -7.29 21.71
N TYR B 102 -17.51 -11.88 18.31
CA TYR B 102 -18.61 -12.25 17.42
C TYR B 102 -19.00 -13.71 17.44
N GLY B 103 -18.25 -14.52 18.19
CA GLY B 103 -18.47 -15.97 18.19
C GLY B 103 -18.09 -16.66 16.90
N ILE B 104 -17.27 -16.00 16.09
CA ILE B 104 -16.78 -16.59 14.85
C ILE B 104 -15.70 -17.61 15.20
N THR B 105 -15.88 -18.84 14.69
CA THR B 105 -14.92 -19.92 14.88
C THR B 105 -14.68 -20.62 13.53
N GLY B 106 -13.71 -21.52 13.50
CA GLY B 106 -13.47 -22.39 12.34
C GLY B 106 -12.46 -21.92 11.33
N LEU B 107 -11.76 -20.82 11.65
CA LEU B 107 -10.76 -20.22 10.75
C LEU B 107 -9.37 -20.63 11.18
N ASP B 108 -8.44 -20.51 10.26
CA ASP B 108 -7.03 -20.61 10.59
C ASP B 108 -6.28 -19.48 9.91
N GLU B 109 -4.97 -19.49 10.03
CA GLU B 109 -4.16 -18.39 9.58
C GLU B 109 -4.29 -18.11 8.08
N ASP B 110 -4.56 -19.15 7.29
CA ASP B 110 -4.64 -19.00 5.83
C ASP B 110 -5.98 -18.41 5.39
N ASN B 111 -6.89 -18.16 6.34
CA ASN B 111 -8.06 -17.36 6.09
C ASN B 111 -7.85 -15.87 6.36
N LEU B 112 -6.63 -15.45 6.69
CA LEU B 112 -6.36 -14.07 7.12
C LEU B 112 -5.18 -13.48 6.38
N ILE B 113 -5.26 -12.17 6.15
CA ILE B 113 -4.13 -11.38 5.75
C ILE B 113 -4.32 -9.98 6.33
N PHE B 114 -3.22 -9.25 6.51
CA PHE B 114 -3.27 -7.89 7.03
C PHE B 114 -2.92 -6.98 5.91
N THR B 115 -3.63 -5.87 5.84
CA THR B 115 -3.43 -4.89 4.82
C THR B 115 -3.10 -3.56 5.45
N VAL B 116 -2.65 -2.62 4.62
CA VAL B 116 -2.30 -1.27 5.07
C VAL B 116 -3.61 -0.48 5.20
N GLY B 117 -4.25 -0.74 6.33
CA GLY B 117 -5.61 -0.34 6.59
C GLY B 117 -6.58 -1.21 5.82
N SER B 118 -7.86 -1.14 6.18
CA SER B 118 -8.92 -1.68 5.33
C SER B 118 -8.97 -1.01 3.95
N GLN B 119 -8.50 0.23 3.85
CA GLN B 119 -8.39 0.86 2.54
C GLN B 119 -7.62 0.04 1.53
N GLN B 120 -6.48 -0.53 1.90
CA GLN B 120 -5.73 -1.31 0.92
C GLN B 120 -6.52 -2.54 0.52
N ALA B 121 -7.25 -3.11 1.44
CA ALA B 121 -8.08 -4.24 1.13
C ALA B 121 -9.11 -3.85 0.07
N LEU B 122 -9.73 -2.69 0.23
CA LEU B 122 -10.69 -2.18 -0.78
C LEU B 122 -10.03 -2.00 -2.14
N ASP B 123 -8.85 -1.39 -2.16
CA ASP B 123 -8.09 -1.17 -3.37
C ASP B 123 -7.74 -2.49 -4.06
N LEU B 124 -7.27 -3.49 -3.30
CA LEU B 124 -6.90 -4.77 -3.89
C LEU B 124 -8.11 -5.56 -4.38
N ILE B 125 -9.21 -5.53 -3.62
CA ILE B 125 -10.46 -6.11 -4.10
C ILE B 125 -10.92 -5.49 -5.40
N GLY B 126 -10.85 -4.17 -5.49
CA GLY B 126 -11.21 -3.50 -6.70
C GLY B 126 -10.32 -3.94 -7.85
N LYS B 127 -9.02 -4.03 -7.59
CA LYS B 127 -8.03 -4.34 -8.62
C LYS B 127 -8.26 -5.72 -9.18
N LEU B 128 -8.53 -6.63 -8.28
CA LEU B 128 -8.76 -8.01 -8.65
C LEU B 128 -10.12 -8.33 -9.27
N PHE B 129 -11.17 -7.59 -8.93
CA PHE B 129 -12.53 -7.96 -9.36
C PHE B 129 -13.24 -6.96 -10.24
N LEU B 130 -12.75 -5.72 -10.33
CA LEU B 130 -13.46 -4.68 -11.09
C LEU B 130 -12.70 -4.18 -12.28
N ASP B 131 -13.47 -3.81 -13.28
CA ASP B 131 -12.95 -3.28 -14.54
C ASP B 131 -14.11 -2.60 -15.24
N ASP B 132 -13.91 -2.17 -16.48
CA ASP B 132 -14.94 -1.40 -17.15
C ASP B 132 -16.18 -2.22 -17.59
N GLU B 133 -16.07 -3.55 -17.54
CA GLU B 133 -17.16 -4.46 -17.87
C GLU B 133 -17.81 -5.09 -16.62
N SER B 134 -17.44 -4.61 -15.44
CA SER B 134 -17.89 -5.16 -14.18
C SER B 134 -18.72 -4.18 -13.38
N TYR B 135 -19.56 -4.73 -12.49
CA TYR B 135 -20.41 -3.94 -11.62
C TYR B 135 -20.16 -4.37 -10.19
N CYS B 136 -20.21 -3.44 -9.26
CA CYS B 136 -20.44 -3.83 -7.89
C CYS B 136 -21.65 -3.09 -7.30
N VAL B 137 -22.14 -3.58 -6.17
CA VAL B 137 -23.37 -3.11 -5.61
C VAL B 137 -22.99 -2.39 -4.36
N LEU B 138 -23.42 -1.15 -4.21
CA LEU B 138 -23.26 -0.47 -2.94
C LEU B 138 -24.42 0.45 -2.63
N ASP B 139 -24.31 1.09 -1.47
CA ASP B 139 -25.36 1.78 -0.78
C ASP B 139 -25.42 3.24 -1.28
N ASP B 140 -26.58 3.90 -1.17
CA ASP B 140 -26.63 5.39 -1.14
C ASP B 140 -27.19 5.91 0.19
N PRO B 141 -26.34 6.53 1.04
CA PRO B 141 -24.94 6.91 0.81
C PRO B 141 -23.99 5.74 1.00
N ALA B 142 -22.76 5.91 0.52
CA ALA B 142 -21.70 4.91 0.71
C ALA B 142 -20.44 5.54 1.30
N TYR B 143 -19.61 4.71 1.88
CA TYR B 143 -18.29 5.12 2.34
C TYR B 143 -17.42 5.63 1.18
N LEU B 144 -16.91 6.84 1.33
CA LEU B 144 -16.11 7.48 0.32
C LEU B 144 -14.86 6.71 -0.08
N GLY B 145 -14.22 6.07 0.89
CA GLY B 145 -13.05 5.27 0.63
C GLY B 145 -13.31 4.09 -0.29
N ALA B 146 -14.47 3.47 -0.15
CA ALA B 146 -14.87 2.41 -1.05
C ALA B 146 -15.23 2.95 -2.45
N ILE B 147 -16.03 4.02 -2.51
CA ILE B 147 -16.33 4.68 -3.78
C ILE B 147 -15.07 4.93 -4.60
N ASN B 148 -14.08 5.60 -3.99
CA ASN B 148 -12.85 5.97 -4.67
C ASN B 148 -11.92 4.80 -5.01
N ALA B 149 -11.85 3.80 -4.14
CA ALA B 149 -11.06 2.59 -4.37
C ALA B 149 -11.62 1.81 -5.55
N PHE B 150 -12.94 1.77 -5.66
CA PHE B 150 -13.58 1.01 -6.72
C PHE B 150 -13.66 1.77 -8.06
N ARG B 151 -14.01 3.05 -8.03
CA ARG B 151 -14.18 3.82 -9.28
C ARG B 151 -12.93 3.95 -10.09
N GLN B 152 -11.78 3.92 -9.42
CA GLN B 152 -10.51 3.99 -10.15
C GLN B 152 -10.36 2.90 -11.20
N TYR B 153 -10.97 1.73 -10.94
CA TYR B 153 -10.83 0.60 -11.86
C TYR B 153 -11.94 0.56 -12.89
N LEU B 154 -12.62 1.70 -13.07
CA LEU B 154 -13.59 1.91 -14.13
C LEU B 154 -14.88 1.10 -13.90
N ALA B 155 -15.14 0.74 -12.63
CA ALA B 155 -16.32 -0.01 -12.27
C ALA B 155 -17.61 0.75 -12.51
N ASN B 156 -18.63 0.00 -12.88
CA ASN B 156 -19.98 0.49 -12.93
C ASN B 156 -20.66 0.12 -11.61
N PHE B 157 -21.52 0.99 -11.09
CA PHE B 157 -22.18 0.75 -9.81
C PHE B 157 -23.69 0.51 -9.89
N VAL B 158 -24.16 -0.50 -9.16
CA VAL B 158 -25.57 -0.71 -8.92
C VAL B 158 -25.85 -0.11 -7.54
N VAL B 159 -26.48 1.06 -7.51
CA VAL B 159 -26.68 1.79 -6.27
C VAL B 159 -28.04 1.48 -5.70
N VAL B 160 -28.06 1.20 -4.39
CA VAL B 160 -29.28 0.83 -3.69
C VAL B 160 -29.52 1.79 -2.52
N PRO B 161 -30.73 2.31 -2.41
CA PRO B 161 -31.04 3.16 -1.29
C PRO B 161 -30.84 2.48 0.05
N LEU B 162 -30.24 3.20 0.97
CA LEU B 162 -30.07 2.74 2.32
C LEU B 162 -31.26 3.18 3.20
N GLU B 163 -31.93 2.21 3.85
CA GLU B 163 -33.00 2.49 4.82
C GLU B 163 -32.40 2.47 6.24
N ASP B 164 -33.23 2.74 7.25
CA ASP B 164 -32.74 2.85 8.62
C ASP B 164 -32.28 1.55 9.23
N ASP B 165 -32.68 0.43 8.65
CA ASP B 165 -32.23 -0.88 9.13
C ASP B 165 -31.36 -1.58 8.07
N GLY B 166 -30.86 -0.80 7.10
CA GLY B 166 -29.96 -1.27 6.07
C GLY B 166 -30.51 -1.13 4.67
N MSE B 167 -29.79 -1.71 3.72
CA MSE B 167 -30.12 -1.63 2.29
C MSE B 167 -31.56 -1.96 1.97
O MSE B 167 -32.09 -2.91 2.52
CB MSE B 167 -29.30 -2.63 1.50
CG MSE B 167 -28.07 -2.08 0.87
SE MSE B 167 -27.36 -3.45 -0.39
CE MSE B 167 -28.74 -3.59 -1.43
N ASP B 168 -32.16 -1.24 1.02
CA ASP B 168 -33.47 -1.60 0.50
C ASP B 168 -33.35 -2.84 -0.39
N LEU B 169 -33.68 -3.99 0.16
CA LEU B 169 -33.48 -5.26 -0.56
C LEU B 169 -34.48 -5.48 -1.69
N ASN B 170 -35.68 -4.91 -1.59
CA ASN B 170 -36.59 -4.87 -2.74
C ASN B 170 -35.89 -4.26 -3.96
N VAL B 171 -35.21 -3.14 -3.77
CA VAL B 171 -34.52 -2.50 -4.89
C VAL B 171 -33.38 -3.41 -5.35
N LEU B 172 -32.63 -3.95 -4.41
CA LEU B 172 -31.55 -4.81 -4.75
C LEU B 172 -32.01 -5.97 -5.64
N GLU B 173 -33.02 -6.72 -5.19
CA GLU B 173 -33.48 -7.89 -5.92
C GLU B 173 -34.09 -7.56 -7.28
N ARG B 174 -34.70 -6.38 -7.39
CA ARG B 174 -35.28 -5.89 -8.64
C ARG B 174 -34.17 -5.58 -9.65
N LYS B 175 -33.14 -4.87 -9.21
CA LYS B 175 -32.05 -4.50 -10.09
C LYS B 175 -31.23 -5.74 -10.52
N LEU B 176 -30.97 -6.66 -9.60
CA LEU B 176 -30.24 -7.87 -9.99
C LEU B 176 -31.04 -8.76 -10.91
N SER B 177 -32.36 -8.77 -10.72
CA SER B 177 -33.23 -9.49 -11.60
C SER B 177 -33.16 -8.94 -13.03
N GLU B 178 -33.15 -7.62 -13.15
CA GLU B 178 -33.00 -6.98 -14.45
C GLU B 178 -31.69 -7.40 -15.10
N PHE B 179 -30.57 -7.40 -14.36
CA PHE B 179 -29.28 -7.91 -14.88
C PHE B 179 -29.39 -9.33 -15.38
N ASP B 180 -30.02 -10.16 -14.55
CA ASP B 180 -30.16 -11.57 -14.80
C ASP B 180 -30.98 -11.77 -16.08
N LYS B 181 -32.10 -11.06 -16.20
CA LYS B 181 -32.97 -11.15 -17.38
C LYS B 181 -32.29 -10.70 -18.67
N ASN B 182 -31.30 -9.81 -18.55
CA ASN B 182 -30.51 -9.39 -19.71
C ASN B 182 -29.21 -10.19 -19.87
N GLY B 183 -29.12 -11.31 -19.18
CA GLY B 183 -27.94 -12.15 -19.23
C GLY B 183 -26.64 -11.46 -18.87
N LYS B 184 -26.68 -10.47 -17.99
CA LYS B 184 -25.47 -9.71 -17.62
C LYS B 184 -25.02 -9.99 -16.18
N ILE B 185 -25.67 -10.93 -15.51
CA ILE B 185 -25.42 -11.17 -14.08
C ILE B 185 -23.97 -11.60 -13.74
N LYS B 186 -23.27 -12.15 -14.72
CA LYS B 186 -21.88 -12.57 -14.54
C LYS B 186 -20.93 -11.35 -14.40
N GLN B 187 -21.38 -10.19 -14.89
CA GLN B 187 -20.61 -8.96 -14.78
C GLN B 187 -20.71 -8.28 -13.39
N VAL B 188 -21.68 -8.70 -12.58
CA VAL B 188 -21.84 -8.25 -11.21
C VAL B 188 -20.98 -9.12 -10.31
N LYS B 189 -20.12 -8.45 -9.54
CA LYS B 189 -19.06 -9.14 -8.84
C LYS B 189 -19.35 -9.32 -7.35
N PHE B 190 -19.71 -8.24 -6.68
CA PHE B 190 -19.93 -8.30 -5.24
C PHE B 190 -20.78 -7.16 -4.75
N ILE B 191 -21.18 -7.31 -3.48
CA ILE B 191 -21.98 -6.34 -2.76
C ILE B 191 -21.11 -5.83 -1.63
N TYR B 192 -20.88 -4.52 -1.61
CA TYR B 192 -20.14 -3.86 -0.53
C TYR B 192 -21.09 -3.32 0.56
N VAL B 193 -20.92 -3.78 1.80
CA VAL B 193 -21.73 -3.27 2.92
C VAL B 193 -20.92 -2.90 4.13
N VAL B 194 -21.43 -1.93 4.89
CA VAL B 194 -20.90 -1.60 6.20
C VAL B 194 -22.03 -1.88 7.15
N SER B 195 -21.95 -3.02 7.85
CA SER B 195 -23.11 -3.58 8.55
C SER B 195 -23.43 -2.97 9.93
N ASN B 196 -22.41 -2.44 10.64
CA ASN B 196 -22.61 -1.76 11.91
C ASN B 196 -22.18 -0.28 11.84
N PHE B 197 -23.06 0.59 12.28
CA PHE B 197 -22.74 2.01 12.44
C PHE B 197 -22.08 2.59 11.15
N HIS B 198 -22.90 2.60 10.11
CA HIS B 198 -22.53 2.97 8.75
C HIS B 198 -21.77 4.30 8.69
N ASN B 199 -20.75 4.35 7.84
CA ASN B 199 -20.16 5.60 7.48
C ASN B 199 -20.66 5.91 6.07
N PRO B 200 -21.46 6.98 5.88
CA PRO B 200 -21.80 8.10 6.78
C PRO B 200 -23.09 8.01 7.57
N ALA B 201 -23.93 7.01 7.31
CA ALA B 201 -25.32 7.05 7.75
C ALA B 201 -25.60 6.74 9.22
N GLY B 202 -24.69 6.07 9.91
CA GLY B 202 -24.89 5.71 11.31
C GLY B 202 -25.74 4.48 11.57
N VAL B 203 -26.34 3.95 10.52
CA VAL B 203 -27.30 2.87 10.64
C VAL B 203 -26.63 1.52 10.80
N THR B 204 -27.38 0.60 11.40
CA THR B 204 -26.96 -0.76 11.59
C THR B 204 -27.93 -1.64 10.82
N THR B 205 -27.39 -2.54 10.00
CA THR B 205 -28.20 -3.49 9.28
C THR B 205 -28.81 -4.53 10.25
N SER B 206 -30.12 -4.74 10.14
CA SER B 206 -30.80 -5.73 10.97
C SER B 206 -30.38 -7.12 10.59
N LEU B 207 -30.49 -8.04 11.54
CA LEU B 207 -30.13 -9.42 11.31
C LEU B 207 -30.89 -10.01 10.14
N GLU B 208 -32.14 -9.61 9.99
CA GLU B 208 -33.03 -10.11 8.95
C GLU B 208 -32.48 -9.78 7.58
N LYS B 209 -32.06 -8.50 7.43
CA LYS B 209 -31.42 -8.04 6.21
C LYS B 209 -30.06 -8.67 5.97
N ARG B 210 -29.32 -8.98 7.03
CA ARG B 210 -28.05 -9.70 6.88
C ARG B 210 -28.28 -11.10 6.25
N LYS B 211 -29.27 -11.83 6.76
CA LYS B 211 -29.57 -13.17 6.25
C LYS B 211 -30.06 -13.12 4.82
N ALA B 212 -31.00 -12.21 4.58
CA ALA B 212 -31.50 -11.94 3.25
C ALA B 212 -30.39 -11.55 2.25
N LEU B 213 -29.41 -10.79 2.71
CA LEU B 213 -28.31 -10.35 1.86
C LEU B 213 -27.50 -11.58 1.42
N VAL B 214 -27.30 -12.53 2.35
CA VAL B 214 -26.55 -13.75 2.03
C VAL B 214 -27.32 -14.57 0.98
N GLU B 215 -28.63 -14.70 1.16
CA GLU B 215 -29.49 -15.41 0.19
C GLU B 215 -29.44 -14.82 -1.21
N ILE B 216 -29.53 -13.50 -1.28
CA ILE B 216 -29.49 -12.81 -2.54
C ILE B 216 -28.16 -13.07 -3.23
N ALA B 217 -27.06 -12.93 -2.48
CA ALA B 217 -25.72 -13.13 -3.01
C ALA B 217 -25.53 -14.54 -3.52
N GLU B 218 -26.01 -15.50 -2.74
CA GLU B 218 -26.02 -16.91 -3.16
C GLU B 218 -26.86 -17.08 -4.43
N LYS B 219 -28.05 -16.51 -4.45
CA LYS B 219 -28.91 -16.63 -5.63
C LYS B 219 -28.22 -16.11 -6.88
N TYR B 220 -27.52 -14.98 -6.77
CA TYR B 220 -26.97 -14.36 -7.96
C TYR B 220 -25.46 -14.58 -8.11
N ASP B 221 -24.90 -15.50 -7.32
CA ASP B 221 -23.48 -15.90 -7.36
C ASP B 221 -22.54 -14.73 -7.14
N LEU B 222 -22.90 -13.87 -6.20
CA LEU B 222 -22.05 -12.75 -5.81
C LEU B 222 -21.40 -13.11 -4.49
N PHE B 223 -20.30 -12.43 -4.19
CA PHE B 223 -19.78 -12.40 -2.83
C PHE B 223 -20.07 -11.05 -2.19
N ILE B 224 -19.97 -11.01 -0.87
CA ILE B 224 -20.27 -9.85 -0.07
C ILE B 224 -18.97 -9.39 0.59
N VAL B 225 -18.64 -8.12 0.46
CA VAL B 225 -17.56 -7.54 1.20
C VAL B 225 -18.15 -6.81 2.41
N GLU B 226 -17.96 -7.37 3.60
CA GLU B 226 -18.50 -6.78 4.82
C GLU B 226 -17.43 -5.92 5.51
N ASP B 227 -17.58 -4.61 5.42
CA ASP B 227 -16.59 -3.70 6.01
C ASP B 227 -17.12 -3.35 7.39
N ASP B 228 -16.41 -3.70 8.46
CA ASP B 228 -16.88 -3.48 9.84
C ASP B 228 -15.82 -2.80 10.77
N PRO B 229 -15.57 -1.50 10.60
CA PRO B 229 -14.59 -0.82 11.47
C PRO B 229 -15.07 -0.51 12.90
N TYR B 230 -16.39 -0.48 13.07
CA TYR B 230 -17.06 0.18 14.22
C TYR B 230 -17.80 -0.73 15.13
N GLY B 231 -17.90 -2.01 14.80
CA GLY B 231 -18.71 -2.90 15.64
C GLY B 231 -18.43 -2.89 17.14
N ALA B 232 -17.16 -2.80 17.54
CA ALA B 232 -16.83 -2.74 18.95
C ALA B 232 -17.22 -1.42 19.61
N LEU B 233 -17.39 -0.32 18.85
CA LEU B 233 -17.84 0.94 19.44
C LEU B 233 -19.35 1.01 19.51
N ARG B 234 -19.96 0.10 20.23
CA ARG B 234 -21.42 0.06 20.42
C ARG B 234 -21.79 0.73 21.75
N TYR B 235 -22.72 1.72 21.71
CA TYR B 235 -23.13 2.47 22.90
C TYR B 235 -24.42 1.96 23.55
N GLU B 236 -25.29 1.35 22.77
CA GLU B 236 -26.33 0.55 23.35
C GLU B 236 -26.78 -0.56 22.44
N GLY B 237 -27.50 -1.53 23.00
CA GLY B 237 -28.00 -2.65 22.24
C GLY B 237 -27.04 -3.81 22.32
N GLU B 238 -27.35 -4.86 21.59
CA GLU B 238 -26.59 -6.09 21.68
C GLU B 238 -25.85 -6.25 20.39
N THR B 239 -24.70 -6.92 20.41
CA THR B 239 -23.99 -7.15 19.15
C THR B 239 -24.80 -8.12 18.25
N VAL B 240 -24.76 -7.86 16.96
CA VAL B 240 -25.46 -8.64 15.97
C VAL B 240 -24.42 -9.55 15.28
N ASP B 241 -24.86 -10.74 14.90
CA ASP B 241 -24.04 -11.65 14.10
C ASP B 241 -23.55 -10.95 12.84
N PRO B 242 -22.25 -10.99 12.60
CA PRO B 242 -21.75 -10.48 11.34
C PRO B 242 -22.29 -11.25 10.17
N ILE B 243 -22.35 -10.59 9.01
CA ILE B 243 -22.73 -11.26 7.77
C ILE B 243 -21.75 -12.41 7.51
N PHE B 244 -20.48 -12.22 7.90
CA PHE B 244 -19.45 -13.25 7.76
C PHE B 244 -19.79 -14.51 8.52
N LYS B 245 -20.35 -14.35 9.71
CA LYS B 245 -20.77 -15.51 10.48
C LYS B 245 -21.94 -16.26 9.86
N ILE B 246 -22.79 -15.54 9.15
CA ILE B 246 -23.97 -16.09 8.54
C ILE B 246 -23.64 -16.80 7.23
N GLY B 247 -22.92 -16.14 6.34
CA GLY B 247 -22.57 -16.74 5.04
C GLY B 247 -21.30 -17.56 5.08
N GLY B 248 -20.36 -17.20 5.96
CA GLY B 248 -19.08 -17.85 6.00
C GLY B 248 -18.16 -17.39 4.89
N PRO B 249 -16.89 -17.83 4.92
CA PRO B 249 -15.81 -17.36 4.05
C PRO B 249 -15.99 -17.70 2.57
N GLU B 250 -16.76 -18.71 2.26
CA GLU B 250 -17.09 -19.00 0.88
C GLU B 250 -17.92 -17.85 0.28
N ARG B 251 -18.76 -17.20 1.07
CA ARG B 251 -19.67 -16.17 0.56
C ARG B 251 -19.27 -14.72 0.85
N VAL B 252 -18.55 -14.54 1.95
CA VAL B 252 -18.25 -13.26 2.55
C VAL B 252 -16.74 -13.09 2.80
N VAL B 253 -16.27 -11.86 2.53
CA VAL B 253 -14.97 -11.37 2.96
C VAL B 253 -15.25 -10.35 4.07
N LEU B 254 -14.58 -10.50 5.21
CA LEU B 254 -14.80 -9.60 6.35
C LEU B 254 -13.59 -8.69 6.50
N LEU B 255 -13.84 -7.38 6.54
CA LEU B 255 -12.80 -6.41 6.76
C LEU B 255 -12.98 -5.81 8.16
N ASN B 256 -11.96 -5.93 9.00
CA ASN B 256 -11.89 -5.20 10.26
C ASN B 256 -10.63 -4.35 10.20
N THR B 257 -10.49 -3.46 11.15
CA THR B 257 -9.41 -2.48 11.16
C THR B 257 -9.12 -2.15 12.60
N PHE B 258 -7.87 -1.75 12.82
CA PHE B 258 -7.41 -1.35 14.11
C PHE B 258 -7.60 0.15 14.24
N SER B 259 -8.02 0.81 13.17
CA SER B 259 -8.06 2.27 13.15
C SER B 259 -9.01 2.91 14.12
N LYS B 260 -10.20 2.35 14.29
CA LYS B 260 -11.18 3.03 15.10
C LYS B 260 -11.14 2.56 16.56
N VAL B 261 -10.56 1.39 16.82
CA VAL B 261 -10.52 0.81 18.16
C VAL B 261 -9.16 0.78 18.84
N LEU B 262 -8.07 1.07 18.11
CA LEU B 262 -6.75 1.11 18.75
C LEU B 262 -5.95 2.35 18.29
N ALA B 263 -5.59 2.38 17.02
CA ALA B 263 -4.80 3.51 16.48
C ALA B 263 -4.73 3.52 14.98
N PRO B 264 -5.30 4.58 14.35
CA PRO B 264 -5.20 4.68 12.91
C PRO B 264 -3.76 4.64 12.37
N GLY B 265 -2.78 5.12 13.12
CA GLY B 265 -1.41 5.24 12.64
C GLY B 265 -0.62 3.94 12.55
N LEU B 266 -1.22 2.86 13.00
CA LEU B 266 -0.69 1.50 12.83
C LEU B 266 -0.92 0.99 11.38
N ARG B 267 -1.98 1.50 10.75
CA ARG B 267 -2.41 1.15 9.41
C ARG B 267 -2.58 -0.37 9.31
N ILE B 268 -3.44 -0.93 10.15
CA ILE B 268 -3.69 -2.41 10.10
C ILE B 268 -5.13 -2.73 9.80
N GLY B 269 -5.38 -3.24 8.59
CA GLY B 269 -6.64 -3.87 8.31
C GLY B 269 -6.53 -5.38 8.36
N MSE B 270 -7.59 -6.03 8.82
CA MSE B 270 -7.67 -7.47 8.95
C MSE B 270 -8.66 -7.92 7.87
O MSE B 270 -9.75 -7.39 7.80
CB MSE B 270 -8.18 -7.78 10.34
CG MSE B 270 -8.10 -9.17 10.76
SE MSE B 270 -9.65 -10.31 10.35
CE MSE B 270 -11.28 -9.24 10.35
N VAL B 271 -8.25 -8.82 6.99
CA VAL B 271 -9.10 -9.37 5.98
C VAL B 271 -9.23 -10.86 6.27
N ALA B 272 -10.47 -11.35 6.33
CA ALA B 272 -10.74 -12.77 6.53
C ALA B 272 -11.65 -13.21 5.42
N GLY B 273 -11.32 -14.35 4.80
CA GLY B 273 -12.10 -14.89 3.70
C GLY B 273 -11.70 -16.32 3.39
N SER B 274 -12.11 -16.83 2.24
CA SER B 274 -11.74 -18.18 1.82
C SER B 274 -10.24 -18.24 1.51
N LYS B 275 -9.67 -19.43 1.61
CA LYS B 275 -8.23 -19.57 1.44
C LYS B 275 -7.81 -19.22 0.02
N GLU B 276 -8.66 -19.47 -0.97
CA GLU B 276 -8.42 -19.12 -2.36
C GLU B 276 -8.41 -17.61 -2.54
N PHE B 277 -9.42 -16.95 -1.98
CA PHE B 277 -9.51 -15.49 -2.02
C PHE B 277 -8.27 -14.85 -1.38
N ILE B 278 -7.93 -15.31 -0.18
CA ILE B 278 -6.78 -14.77 0.55
C ILE B 278 -5.48 -14.93 -0.21
N ARG B 279 -5.30 -16.06 -0.88
CA ARG B 279 -4.10 -16.27 -1.67
C ARG B 279 -3.97 -15.28 -2.80
N LYS B 280 -5.09 -14.89 -3.40
CA LYS B 280 -5.02 -13.91 -4.46
C LYS B 280 -4.72 -12.56 -3.88
N ILE B 281 -5.28 -12.25 -2.72
CA ILE B 281 -4.95 -11.01 -2.04
C ILE B 281 -3.47 -10.95 -1.71
N VAL B 282 -2.88 -12.06 -1.23
CA VAL B 282 -1.43 -12.14 -0.99
C VAL B 282 -0.63 -11.82 -2.24
N GLN B 283 -1.02 -12.41 -3.36
CA GLN B 283 -0.33 -12.16 -4.59
C GLN B 283 -0.38 -10.69 -4.98
N ALA B 284 -1.57 -10.08 -4.87
CA ALA B 284 -1.75 -8.67 -5.21
C ALA B 284 -0.97 -7.77 -4.26
N LYS B 285 -0.96 -8.10 -2.97
CA LYS B 285 -0.27 -7.25 -1.99
C LYS B 285 1.24 -7.27 -2.21
N GLN B 286 1.77 -8.43 -2.56
CA GLN B 286 3.20 -8.55 -2.69
C GLN B 286 3.73 -7.64 -3.80
N SER B 287 3.00 -7.52 -4.90
CA SER B 287 3.37 -6.66 -5.99
C SER B 287 3.10 -5.19 -5.65
N ALA B 288 2.16 -4.95 -4.77
CA ALA B 288 1.79 -3.59 -4.34
C ALA B 288 2.74 -2.98 -3.33
N ASP B 289 3.18 -3.77 -2.36
CA ASP B 289 4.10 -3.22 -1.37
C ASP B 289 5.08 -4.20 -0.70
N LEU B 290 5.19 -5.42 -1.24
CA LEU B 290 5.98 -6.52 -0.70
C LEU B 290 5.37 -6.99 0.60
N CYS B 291 5.39 -6.12 1.60
CA CYS B 291 4.83 -6.43 2.91
C CYS B 291 4.59 -5.18 3.70
N SER B 292 3.70 -5.29 4.69
CA SER B 292 3.43 -4.22 5.64
C SER B 292 4.57 -4.12 6.63
N PRO B 293 4.70 -2.99 7.33
CA PRO B 293 5.76 -2.85 8.29
C PRO B 293 5.57 -3.84 9.45
N ALA B 294 6.54 -4.74 9.61
CA ALA B 294 6.51 -5.72 10.67
C ALA B 294 6.40 -5.09 12.03
N ILE B 295 6.98 -3.91 12.18
CA ILE B 295 6.91 -3.16 13.43
C ILE B 295 5.45 -2.94 13.86
N THR B 296 4.58 -2.54 12.93
CA THR B 296 3.19 -2.30 13.27
C THR B 296 2.43 -3.56 13.70
N HIS B 297 2.62 -4.65 12.96
CA HIS B 297 1.96 -5.90 13.26
C HIS B 297 2.36 -6.44 14.61
N ARG B 298 3.67 -6.47 14.89
CA ARG B 298 4.11 -7.10 16.12
C ARG B 298 3.71 -6.24 17.32
N LEU B 299 3.64 -4.93 17.11
CA LEU B 299 3.23 -4.02 18.16
C LEU B 299 1.77 -4.32 18.55
N ALA B 300 0.92 -4.47 17.55
CA ALA B 300 -0.46 -4.78 17.82
C ALA B 300 -0.59 -6.15 18.45
N ALA B 301 0.16 -7.13 17.94
CA ALA B 301 0.12 -8.49 18.49
C ALA B 301 0.44 -8.56 19.99
N ARG B 302 1.53 -7.96 20.41
CA ARG B 302 1.95 -8.00 21.80
C ARG B 302 1.02 -7.14 22.66
N TYR B 303 0.42 -6.11 22.08
CA TYR B 303 -0.57 -5.32 22.77
C TYR B 303 -1.76 -6.17 23.11
N LEU B 304 -2.28 -6.86 22.11
CA LEU B 304 -3.43 -7.71 22.33
C LEU B 304 -3.20 -8.90 23.23
N GLU B 305 -1.98 -9.44 23.23
CA GLU B 305 -1.61 -10.49 24.15
C GLU B 305 -1.57 -10.01 25.56
N ARG B 306 -1.22 -8.74 25.76
CA ARG B 306 -0.90 -8.22 27.09
C ARG B 306 -2.01 -7.44 27.78
N TYR B 307 -2.91 -6.86 27.01
CA TYR B 307 -4.00 -6.02 27.45
C TYR B 307 -5.25 -6.57 26.76
N ASP B 308 -6.37 -6.56 27.47
CA ASP B 308 -7.63 -6.96 26.89
C ASP B 308 -8.29 -5.75 26.24
N LEU B 309 -8.19 -5.70 24.91
CA LEU B 309 -8.75 -4.59 24.12
C LEU B 309 -10.19 -4.27 24.49
N LEU B 310 -11.01 -5.30 24.69
CA LEU B 310 -12.41 -5.11 25.00
C LEU B 310 -12.61 -4.42 26.33
N GLU B 311 -11.73 -4.66 27.29
CA GLU B 311 -11.75 -3.95 28.56
C GLU B 311 -11.19 -2.53 28.37
N GLN B 312 -10.07 -2.40 27.65
CA GLN B 312 -9.48 -1.07 27.45
C GLN B 312 -10.41 -0.11 26.69
N LEU B 313 -11.34 -0.64 25.91
CA LEU B 313 -12.27 0.17 25.16
C LEU B 313 -13.36 0.81 26.00
N LYS B 314 -13.65 0.24 27.15
CA LYS B 314 -14.75 0.74 27.98
C LYS B 314 -14.76 2.24 28.26
N PRO B 315 -13.64 2.81 28.74
CA PRO B 315 -13.68 4.27 28.92
C PRO B 315 -13.85 5.06 27.62
N THR B 316 -13.35 4.52 26.51
CA THR B 316 -13.53 5.13 25.20
C THR B 316 -15.00 5.15 24.82
N ILE B 317 -15.68 4.05 25.06
CA ILE B 317 -17.10 3.92 24.81
C ILE B 317 -17.91 4.86 25.70
N GLU B 318 -17.56 4.99 26.96
CA GLU B 318 -18.19 5.98 27.83
C GLU B 318 -18.03 7.40 27.30
N LEU B 319 -16.83 7.75 26.84
CA LEU B 319 -16.57 9.10 26.37
C LEU B 319 -17.40 9.38 25.14
N TYR B 320 -17.29 8.50 24.14
CA TYR B 320 -17.96 8.68 22.87
C TYR B 320 -19.47 8.66 23.03
N ARG B 321 -19.99 7.79 23.87
CA ARG B 321 -21.39 7.73 24.11
C ARG B 321 -21.92 9.03 24.72
N ARG B 322 -21.11 9.66 25.58
CA ARG B 322 -21.49 10.90 26.21
C ARG B 322 -21.62 12.04 25.17
N LYS B 323 -20.59 12.21 24.38
CA LYS B 323 -20.56 13.15 23.27
C LYS B 323 -21.71 12.98 22.23
N ARG B 324 -21.95 11.74 21.87
CA ARG B 324 -23.06 11.36 21.03
C ARG B 324 -24.38 11.86 21.60
N THR B 325 -24.64 11.62 22.87
CA THR B 325 -25.88 12.04 23.51
C THR B 325 -26.00 13.57 23.61
N VAL B 326 -24.92 14.23 23.99
CA VAL B 326 -24.84 15.68 23.93
C VAL B 326 -25.19 16.19 22.54
N MSE B 327 -24.66 15.57 21.48
CA MSE B 327 -25.02 16.02 20.14
C MSE B 327 -26.50 15.79 19.84
O MSE B 327 -27.14 16.66 19.32
CB MSE B 327 -24.17 15.38 19.03
CG MSE B 327 -24.60 15.88 17.66
SE MSE B 327 -23.16 15.44 16.30
CE MSE B 327 -21.75 16.62 16.80
N LEU B 328 -27.03 14.63 20.18
CA LEU B 328 -28.43 14.34 19.91
C LEU B 328 -29.29 15.29 20.71
N ASN B 329 -28.91 15.55 21.95
CA ASN B 329 -29.69 16.44 22.80
C ASN B 329 -29.70 17.86 22.24
N ALA B 330 -28.55 18.34 21.79
CA ALA B 330 -28.46 19.61 21.10
C ALA B 330 -29.24 19.63 19.78
N LEU B 331 -29.19 18.57 18.99
CA LEU B 331 -30.04 18.55 17.78
C LEU B 331 -31.50 18.69 18.16
N GLU B 332 -31.94 17.97 19.20
CA GLU B 332 -33.32 18.11 19.68
C GLU B 332 -33.68 19.55 20.07
N GLU B 333 -32.81 20.20 20.83
CA GLU B 333 -33.10 21.53 21.32
C GLU B 333 -33.17 22.55 20.19
N TYR B 334 -32.23 22.48 19.26
CA TYR B 334 -32.05 23.56 18.31
C TYR B 334 -32.68 23.36 16.93
N PHE B 335 -33.15 22.14 16.65
CA PHE B 335 -33.88 21.81 15.41
C PHE B 335 -35.35 21.38 15.59
N SER B 336 -35.83 21.44 16.82
CA SER B 336 -37.18 20.96 17.13
C SER B 336 -38.26 21.67 16.31
N ASP B 337 -38.07 22.97 16.11
CA ASP B 337 -39.10 23.82 15.48
C ASP B 337 -38.87 24.04 13.99
N ILE B 338 -38.00 23.25 13.39
CA ILE B 338 -37.73 23.33 11.98
C ILE B 338 -38.34 22.11 11.34
N PRO B 339 -39.52 22.26 10.73
CA PRO B 339 -40.18 21.13 10.10
C PRO B 339 -39.34 20.46 9.03
N GLY B 340 -39.41 19.15 9.02
CA GLY B 340 -38.84 18.35 7.94
C GLY B 340 -37.46 17.80 8.21
N VAL B 341 -36.85 18.18 9.34
CA VAL B 341 -35.45 17.79 9.60
C VAL B 341 -35.48 16.46 10.31
N LYS B 342 -34.58 15.57 9.96
CA LYS B 342 -34.51 14.29 10.64
C LYS B 342 -33.06 13.89 10.83
N TRP B 343 -32.79 12.94 11.71
CA TRP B 343 -31.44 12.44 11.84
C TRP B 343 -31.46 11.07 12.44
N VAL B 344 -30.37 10.35 12.21
CA VAL B 344 -30.23 8.98 12.67
C VAL B 344 -29.75 9.03 14.09
N LYS B 345 -30.47 8.35 14.97
CA LYS B 345 -30.11 8.28 16.37
C LYS B 345 -29.13 7.11 16.57
N SER B 346 -27.89 7.37 16.18
CA SER B 346 -26.88 6.34 16.10
C SER B 346 -26.63 5.71 17.47
N GLU B 347 -26.48 4.39 17.45
CA GLU B 347 -26.18 3.60 18.65
C GLU B 347 -24.75 3.13 18.74
N GLY B 348 -23.89 3.68 17.89
CA GLY B 348 -22.50 3.28 17.88
C GLY B 348 -21.73 4.10 16.87
N GLY B 349 -20.43 3.92 16.86
CA GLY B 349 -19.62 4.54 15.84
C GLY B 349 -19.35 5.99 16.07
N LEU B 350 -19.07 6.70 14.97
CA LEU B 350 -18.58 8.07 15.02
C LEU B 350 -19.52 9.15 14.44
N PHE B 351 -20.66 8.75 13.86
CA PHE B 351 -21.40 9.65 13.00
C PHE B 351 -22.86 9.73 13.31
N ILE B 352 -23.37 10.94 13.15
CA ILE B 352 -24.81 11.17 13.04
C ILE B 352 -25.09 11.78 11.66
N TRP B 353 -26.08 11.21 10.97
CA TRP B 353 -26.45 11.58 9.60
C TRP B 353 -27.74 12.34 9.68
N LEU B 354 -27.67 13.58 9.20
CA LEU B 354 -28.77 14.50 9.31
C LEU B 354 -29.25 14.91 7.95
N THR B 355 -30.56 15.05 7.85
CA THR B 355 -31.20 15.38 6.61
C THR B 355 -32.12 16.57 6.80
N LEU B 356 -31.91 17.56 5.98
CA LEU B 356 -32.72 18.77 5.99
C LEU B 356 -33.96 18.60 5.09
N PRO B 357 -34.91 19.53 5.16
CA PRO B 357 -36.10 19.51 4.28
C PRO B 357 -35.79 19.52 2.78
N GLU B 358 -36.74 19.04 1.98
CA GLU B 358 -36.66 19.10 0.50
C GLU B 358 -36.36 20.50 -0.02
N GLY B 359 -35.42 20.59 -0.96
CA GLY B 359 -34.98 21.89 -1.45
C GLY B 359 -33.66 22.34 -0.84
N PHE B 360 -33.35 21.88 0.37
CA PHE B 360 -32.06 22.22 0.98
C PHE B 360 -30.98 21.42 0.28
N ASP B 361 -29.92 22.11 -0.06
CA ASP B 361 -28.75 21.57 -0.70
C ASP B 361 -27.54 21.90 0.20
N THR B 362 -27.01 20.86 0.82
CA THR B 362 -25.97 21.00 1.81
C THR B 362 -24.64 21.33 1.23
N TRP B 363 -24.49 21.16 -0.08
CA TRP B 363 -23.33 21.72 -0.78
C TRP B 363 -23.42 23.25 -0.97
N GLU B 364 -24.49 23.71 -1.58
CA GLU B 364 -24.79 25.15 -1.63
C GLU B 364 -24.62 25.79 -0.26
N MSE B 365 -25.18 25.14 0.73
CA MSE B 365 -25.22 25.75 2.03
C MSE B 365 -23.87 25.82 2.73
O MSE B 365 -23.71 26.60 3.68
CB MSE B 365 -26.20 25.00 2.88
CG MSE B 365 -26.31 25.52 4.27
SE MSE B 365 -27.75 24.55 5.19
CE MSE B 365 -26.70 23.28 6.40
N PHE B 366 -22.90 25.01 2.28
CA PHE B 366 -21.61 24.93 2.93
C PHE B 366 -20.96 26.32 3.05
N GLU B 367 -21.21 27.22 2.10
CA GLU B 367 -20.60 28.54 2.17
C GLU B 367 -21.05 29.36 3.36
N TYR B 368 -22.32 29.21 3.73
CA TYR B 368 -22.85 29.81 4.95
C TYR B 368 -22.25 29.20 6.18
N ALA B 369 -22.02 27.88 6.15
CA ALA B 369 -21.39 27.18 7.26
C ALA B 369 -19.95 27.66 7.47
N LYS B 370 -19.17 27.72 6.39
CA LYS B 370 -17.82 28.27 6.44
C LYS B 370 -17.81 29.68 7.05
N ARG B 371 -18.81 30.49 6.72
CA ARG B 371 -18.94 31.83 7.24
C ARG B 371 -19.20 31.89 8.74
N LYS B 372 -20.00 30.97 9.28
CA LYS B 372 -20.16 30.78 10.74
C LYS B 372 -19.05 29.94 11.38
N LYS B 373 -18.09 29.46 10.58
CA LYS B 373 -17.00 28.66 11.07
C LYS B 373 -17.52 27.38 11.74
N VAL B 374 -18.49 26.74 11.08
CA VAL B 374 -19.00 25.44 11.49
C VAL B 374 -19.00 24.50 10.30
N PHE B 375 -18.46 23.29 10.51
CA PHE B 375 -18.15 22.33 9.47
C PHE B 375 -18.82 20.99 9.63
N TYR B 376 -19.22 20.44 8.49
CA TYR B 376 -19.88 19.16 8.35
C TYR B 376 -19.39 18.58 7.02
N VAL B 377 -19.70 17.33 6.73
CA VAL B 377 -19.38 16.78 5.41
C VAL B 377 -20.69 16.77 4.63
N PRO B 378 -20.72 17.57 3.54
CA PRO B 378 -21.90 17.54 2.65
C PRO B 378 -22.21 16.17 2.10
N GLY B 379 -23.49 15.80 2.11
CA GLY B 379 -23.91 14.48 1.68
C GLY B 379 -23.51 14.08 0.27
N ARG B 380 -23.26 15.02 -0.63
CA ARG B 380 -23.01 14.65 -2.05
C ARG B 380 -21.72 13.85 -2.18
N VAL B 381 -20.84 14.03 -1.20
CA VAL B 381 -19.53 13.38 -1.11
C VAL B 381 -19.69 11.87 -1.06
N PHE B 382 -20.81 11.42 -0.51
CA PHE B 382 -21.04 10.01 -0.30
C PHE B 382 -21.95 9.42 -1.37
N LYS B 383 -22.20 10.18 -2.43
CA LYS B 383 -23.06 9.72 -3.50
C LYS B 383 -22.25 9.38 -4.70
N VAL B 384 -22.36 8.13 -5.15
CA VAL B 384 -21.51 7.67 -6.28
C VAL B 384 -21.62 8.56 -7.53
N TYR B 385 -22.81 9.03 -7.83
CA TYR B 385 -23.06 9.83 -9.03
C TYR B 385 -23.16 11.35 -8.79
N ASP B 386 -22.81 11.77 -7.58
CA ASP B 386 -22.49 13.17 -7.30
C ASP B 386 -23.67 14.15 -7.48
N GLU B 387 -24.90 13.67 -7.24
CA GLU B 387 -26.11 14.48 -7.35
C GLU B 387 -26.34 15.28 -6.06
N PRO B 388 -27.17 16.34 -6.10
CA PRO B 388 -27.40 17.19 -4.91
C PRO B 388 -28.03 16.45 -3.75
N SER B 389 -27.61 16.79 -2.54
CA SER B 389 -28.11 16.12 -1.33
C SER B 389 -28.57 17.13 -0.28
N PRO B 390 -29.65 16.81 0.45
CA PRO B 390 -30.08 17.50 1.64
C PRO B 390 -29.50 17.01 2.93
N SER B 391 -28.55 16.06 2.87
CA SER B 391 -27.97 15.45 4.06
C SER B 391 -26.53 15.87 4.31
N MSE B 392 -26.07 15.53 5.50
CA MSE B 392 -24.71 15.84 5.92
C MSE B 392 -24.26 14.85 7.01
O MSE B 392 -25.07 14.42 7.86
CB MSE B 392 -24.66 17.24 6.48
CG MSE B 392 -25.40 17.35 7.81
SE MSE B 392 -25.40 19.23 8.49
CE MSE B 392 -26.39 19.96 7.02
N ARG B 393 -22.97 14.55 7.00
CA ARG B 393 -22.37 13.78 8.04
C ARG B 393 -21.77 14.64 9.14
N LEU B 394 -22.17 14.33 10.39
CA LEU B 394 -21.68 14.99 11.59
C LEU B 394 -20.99 13.99 12.44
N SER B 395 -19.84 14.36 12.97
CA SER B 395 -19.18 13.51 13.97
C SER B 395 -19.00 14.19 15.34
N PHE B 396 -19.19 13.42 16.39
CA PHE B 396 -19.16 13.94 17.74
C PHE B 396 -17.86 13.53 18.49
N CYS B 397 -16.92 12.93 17.79
CA CYS B 397 -15.75 12.36 18.42
C CYS B 397 -14.81 13.41 19.00
N LEU B 398 -14.45 14.39 18.17
CA LEU B 398 -13.41 15.36 18.52
C LEU B 398 -13.79 16.63 19.28
N PRO B 399 -14.90 17.30 18.93
CA PRO B 399 -15.13 18.55 19.65
C PRO B 399 -15.45 18.28 21.13
N PRO B 400 -14.98 19.15 22.03
CA PRO B 400 -15.41 19.10 23.42
C PRO B 400 -16.92 19.31 23.51
N ASP B 401 -17.53 18.76 24.55
CA ASP B 401 -19.01 18.84 24.71
C ASP B 401 -19.57 20.24 24.56
N GLU B 402 -18.91 21.22 25.17
CA GLU B 402 -19.42 22.60 25.06
C GLU B 402 -19.41 23.14 23.61
N LYS B 403 -18.45 22.69 22.81
CA LYS B 403 -18.38 23.11 21.42
C LYS B 403 -19.33 22.30 20.54
N ILE B 404 -19.69 21.10 20.97
CA ILE B 404 -20.79 20.36 20.33
C ILE B 404 -22.05 21.16 20.41
N VAL B 405 -22.39 21.66 21.59
CA VAL B 405 -23.59 22.48 21.75
C VAL B 405 -23.45 23.78 20.96
N GLU B 406 -22.36 24.51 21.16
CA GLU B 406 -22.19 25.78 20.43
C GLU B 406 -22.23 25.58 18.92
N GLY B 407 -21.67 24.47 18.44
CA GLY B 407 -21.59 24.19 17.02
C GLY B 407 -22.93 23.84 16.46
N ILE B 408 -23.74 23.12 17.21
CA ILE B 408 -25.09 22.80 16.71
C ILE B 408 -25.97 24.03 16.66
N LYS B 409 -25.83 24.92 17.64
CA LYS B 409 -26.46 26.24 17.58
C LYS B 409 -26.01 27.07 16.39
N ARG B 410 -24.72 27.08 16.10
CA ARG B 410 -24.21 27.68 14.85
C ARG B 410 -24.91 27.10 13.62
N LEU B 411 -25.06 25.78 13.59
CA LEU B 411 -25.68 25.07 12.46
C LEU B 411 -27.14 25.43 12.25
N ARG B 412 -27.87 25.59 13.35
CA ARG B 412 -29.23 26.09 13.29
C ARG B 412 -29.27 27.43 12.59
N GLU B 413 -28.38 28.34 13.01
CA GLU B 413 -28.33 29.69 12.46
C GLU B 413 -27.98 29.67 10.99
N VAL B 414 -27.10 28.77 10.59
CA VAL B 414 -26.79 28.58 9.18
C VAL B 414 -28.01 28.09 8.39
N VAL B 415 -28.72 27.10 8.93
CA VAL B 415 -29.91 26.50 8.26
C VAL B 415 -31.00 27.54 8.07
N LEU B 416 -31.17 28.40 9.06
CA LEU B 416 -32.11 29.48 8.98
C LEU B 416 -31.68 30.58 8.00
N GLU B 417 -30.41 30.99 8.04
CA GLU B 417 -29.89 31.97 7.09
C GLU B 417 -30.03 31.49 5.64
N TYR B 418 -29.55 30.29 5.35
CA TYR B 418 -29.68 29.72 4.01
C TYR B 418 -31.13 29.48 3.64
N GLY B 419 -31.92 28.85 4.52
CA GLY B 419 -33.31 28.54 4.23
C GLY B 419 -34.14 29.79 3.92
N LYS B 420 -33.90 30.88 4.65
CA LYS B 420 -34.60 32.13 4.37
C LYS B 420 -34.25 32.63 2.98
N GLU B 421 -32.95 32.74 2.68
CA GLU B 421 -32.50 33.20 1.37
C GLU B 421 -33.13 32.38 0.22
N LYS B 422 -33.22 31.06 0.39
CA LYS B 422 -33.84 30.16 -0.59
C LYS B 422 -35.37 30.18 -0.55
N HIS B 423 -35.96 30.95 0.36
CA HIS B 423 -37.41 30.97 0.57
C HIS B 423 -37.94 29.56 0.81
N LEU B 424 -37.21 28.78 1.61
CA LEU B 424 -37.64 27.46 2.06
C LEU B 424 -38.19 27.52 3.49
N LEU B 425 -37.75 28.52 4.26
CA LEU B 425 -38.22 28.75 5.63
C LEU B 425 -38.65 30.21 5.81
N1 PLP C . 14.17 -1.34 -5.75
C2 PLP C . 15.33 -2.04 -6.01
C2A PLP C . 16.01 -1.95 -7.37
C3 PLP C . 15.84 -2.84 -5.01
O3 PLP C . 16.93 -3.64 -5.18
C4 PLP C . 15.24 -2.89 -3.77
C4A PLP C . 15.94 -3.61 -2.66
C5 PLP C . 14.09 -2.19 -3.52
C6 PLP C . 13.53 -1.39 -4.53
C5A PLP C . 13.60 -2.18 -2.09
O4P PLP C . 12.22 -2.03 -2.10
P PLP C . 11.49 -1.41 -0.84
O1P PLP C . 11.91 -2.10 0.41
O2P PLP C . 10.05 -1.63 -1.13
O3P PLP C . 11.81 0.04 -0.64
O1 UNL D . 15.76 -8.58 -4.49
O2 UNL D . 13.51 -6.71 -1.78
O3 UNL D . 12.63 -10.24 0.20
O4 UNL D . 15.59 -7.29 -2.10
O5 UNL D . 14.65 -9.36 -5.49
C1 EDO E . 13.31 16.72 18.40
O1 EDO E . 12.71 15.74 19.26
C2 EDO E . 14.75 16.27 18.11
O2 EDO E . 14.80 15.15 17.22
C1 EDO F . 17.46 22.58 -1.05
O1 EDO F . 17.18 23.60 -2.01
C2 EDO F . 16.30 21.60 -1.02
O2 EDO F . 16.07 20.99 -2.27
C1 EDO G . 15.40 -12.38 1.02
O1 EDO G . 16.82 -12.48 1.14
C2 EDO G . 15.04 -12.16 -0.44
O2 EDO G . 15.72 -13.15 -1.23
C FMT H . 35.85 -11.15 -14.22
O1 FMT H . 34.98 -11.24 -15.10
O2 FMT H . 35.95 -10.12 -13.53
C FMT I . 19.25 5.49 -0.45
O1 FMT I . 20.41 5.43 -0.98
O2 FMT I . 18.18 5.13 -1.00
C FMT J . 18.72 -15.77 2.33
O1 FMT J . 18.70 -16.93 1.86
O2 FMT J . 19.71 -15.30 2.94
C FMT K . 30.48 -1.57 -12.33
O1 FMT K . 29.69 -1.13 -13.19
O2 FMT K . 30.92 -0.85 -11.40
C FMT L . 18.58 18.89 -9.26
O1 FMT L . 17.39 18.71 -9.07
O2 FMT L . 19.29 19.41 -8.38
C FMT M . 23.02 2.32 10.23
O1 FMT M . 23.72 1.38 9.73
O2 FMT M . 21.85 2.56 9.87
C FMT N . 39.56 -28.24 -8.16
C FMT N . 39.32 -29.22 -8.19
O1 FMT N . 39.32 -28.66 -9.29
O2 FMT N . 38.66 -27.78 -7.42
O2 FMT N . 38.28 -29.67 -7.68
C FMT O . 14.17 -10.72 -20.98
O1 FMT O . 13.45 -11.69 -20.77
O2 FMT O . 14.80 -10.65 -22.03
C FMT P . 20.68 0.43 -15.54
O1 FMT P . 19.56 0.23 -15.03
O2 FMT P . 20.89 1.17 -16.53
C FMT Q . 10.70 25.52 -3.97
O1 FMT Q . 10.28 26.03 -2.93
O2 FMT Q . 11.91 25.36 -4.16
C FMT R . 22.63 14.85 13.53
O1 FMT R . 21.96 14.80 12.48
O2 FMT R . 22.73 15.88 14.21
C FMT S . 26.18 -7.14 -16.93
O1 FMT S . 25.07 -7.54 -17.28
O2 FMT S . 26.99 -6.74 -17.76
C FMT T . -5.27 -2.24 -17.35
O1 FMT T . -5.00 -2.78 -18.44
O2 FMT T . -5.95 -1.20 -17.31
C FMT U . 36.30 -27.29 -4.58
O1 FMT U . 36.32 -27.83 -5.69
O2 FMT U . 36.91 -26.25 -4.36
C FMT V . 21.22 -21.30 -21.02
O1 FMT V . 21.02 -22.32 -21.72
O2 FMT V . 22.15 -20.51 -21.20
C FMT W . 41.12 -24.13 -9.18
O1 FMT W . 40.88 -23.90 -7.99
O2 FMT W . 41.27 -23.20 -10.00
C FMT X . 2.87 -14.54 -3.09
O1 FMT X . 3.23 -15.59 -2.56
O2 FMT X . 2.71 -14.45 -4.30
C FMT Y . 8.52 13.18 -13.49
O1 FMT Y . 7.94 13.76 -14.43
O2 FMT Y . 8.87 13.73 -12.41
N1 PLP Z . -14.14 1.54 6.13
C2 PLP Z . -15.11 2.36 6.66
C2A PLP Z . -16.54 2.13 6.27
C3 PLP Z . -14.75 3.38 7.51
O3 PLP Z . -15.70 4.17 8.12
C4 PLP Z . -13.40 3.55 7.85
C4A PLP Z . -13.09 4.40 9.02
C5 PLP Z . -12.43 2.69 7.34
C6 PLP Z . -12.80 1.70 6.45
C5A PLP Z . -11.11 2.53 8.08
O4P PLP Z . -10.11 2.65 7.12
P PLP Z . -8.64 2.12 7.39
O1P PLP Z . -7.99 3.01 8.39
O2P PLP Z . -7.94 2.13 6.06
O3P PLP Z . -8.68 0.74 8.06
O1 UNL AA . -13.05 8.28 8.15
O2 UNL AA . -14.56 9.14 5.83
O3 UNL AA . -13.51 11.43 6.46
O4 UNL AA . -11.42 13.68 9.12
O5 UNL AA . -11.20 7.55 6.16
O6 UNL AA . -11.75 7.71 3.60
O7 UNL AA . -10.01 9.12 7.38
O8 UNL AA . -8.37 10.86 7.40
C1 EDO BA . -14.25 -4.12 15.00
O1 EDO BA . -14.73 -3.02 15.80
C2 EDO BA . -12.87 -3.77 14.44
O2 EDO BA . -12.85 -3.45 13.04
C1 EDO CA . -9.92 -1.09 -16.27
O1 EDO CA . -10.64 -1.92 -17.19
C2 EDO CA . -8.97 -1.89 -15.40
O2 EDO CA . -8.30 -2.87 -16.20
C1 EDO DA . -10.67 -19.79 15.21
O1 EDO DA . -11.47 -19.61 14.04
C2 EDO DA . -10.76 -21.22 15.69
O2 EDO DA . -12.13 -21.55 15.97
C FMT EA . -8.48 2.08 23.59
O1 FMT EA . -9.34 2.91 23.16
O2 FMT EA . -7.90 1.26 22.85
C FMT FA . -14.57 -14.63 -0.19
C FMT FA . -13.86 -15.27 -0.11
O1 FMT FA . -15.62 -15.09 -0.67
O1 FMT FA . -14.61 -15.48 -1.08
O2 FMT FA . -14.23 -14.80 0.98
C FMT GA . -30.12 2.46 12.62
O1 FMT GA . -30.02 1.25 12.39
O2 FMT GA . -29.98 2.95 13.75
C FMT HA . -9.91 4.68 20.60
O1 FMT HA . -10.59 5.04 19.62
O2 FMT HA . -8.73 4.26 20.57
C FMT IA . -25.84 -1.60 4.69
O1 FMT IA . -26.62 -2.57 4.46
O2 FMT IA . -24.70 -1.42 4.14
C FMT JA . 2.02 -16.01 8.31
O1 FMT JA . 0.80 -15.80 8.12
O2 FMT JA . 2.93 -15.48 7.64
C FMT KA . -3.17 -21.80 12.55
O1 FMT KA . -2.95 -22.15 11.39
O2 FMT KA . -4.32 -21.71 13.03
C FMT LA . 8.30 -9.97 1.06
O1 FMT LA . 7.74 -11.01 0.68
O2 FMT LA . 8.99 -9.94 2.11
C FMT MA . -11.87 17.69 11.62
O1 FMT MA . -11.99 17.80 12.86
O2 FMT MA . -12.13 18.60 10.81
#